data_8VQD
#
_entry.id   8VQD
#
_cell.length_a   1.00
_cell.length_b   1.00
_cell.length_c   1.00
_cell.angle_alpha   90.00
_cell.angle_beta   90.00
_cell.angle_gamma   90.00
#
_symmetry.space_group_name_H-M   'P 1'
#
loop_
_entity.id
_entity.type
_entity.pdbx_description
1 polymer 'Receptor tyrosine-protein kinase erbB-2/hIgG1 Fc domain fusion'
2 polymer 'Variable Heavy chain of TL1 Fab'
3 polymer 'Variable Light chain of TL1 Fab'
4 branched 2-acetamido-2-deoxy-beta-D-glucopyranose-(1-4)-2-acetamido-2-deoxy-beta-D-glucopyranose
#
loop_
_entity_poly.entity_id
_entity_poly.type
_entity_poly.pdbx_seq_one_letter_code
_entity_poly.pdbx_strand_id
1 'polypeptide(L)'
;TQVCTGTDMKLRLPASPETHLDMLRHLYQGCQVVQGNLELTYLPTNASLSFLQDIQEVQGYVLIAHNQVRQVPLQRLRIV
RGTQLFEDNYALAVLDNGDPLNNTTPVTGASPGGLRELQLRSLTEILKGGVLIQRNPQLCYQDTILWKDIFHKNNQLALT
LIDTNRSRACHPCSPMCKGSRCWGESSEDCQSLTRTVCAGGCARCKGPLPTDCCHEQCAAGCTGPKHSDCLACLHFNHSG
ICELHCPALVTFNTDTFESMPNPEGRYTFGASCVTACPYNYLSTDVGFCTLVCPLHNQEVTAEDGTQRCEKCSKPCARVC
YGLGMEHLREVRAVTSANIQEFAGCKKIFGSLAFLPESFDGDPASNTAPLQPEQLQVFETLEEITGYLYISAWPDSLPDL
SVFQNLQVIRGRILHNGAYSLTLQGLGISWLGLRSLRELGSGLALIHHNTHLCFVHTVPWDQLFRNPHQALLHTANRPED
ECVGEGLACHQLCARGHCWGPGPTQCVNCSQFLRGQECVEECRVLQGLPREYVNARHCLPCHPECQPQNGSVTCFGPEAD
QCVACAHYKDPPFCVARCPSGVKPDLSYMPIWKFPDEEGACQPCPINCTHSCVDLDDKGCPAEQRASPLTPGSRSPKSCD
KTHTCPPCPAPELLGGPSVFLFPPKPKDTLMISRTPEVTCVVVDVSHEDPEVKFNWYVDGVEVHNAKTKPREEQYNSTYR
VVSVLTVLHQDWLNGKEYKCKVSNKALPAPIEKTISKAKGQPREPQVYTLPPSREEMTKNQVSLTCLVKGFYPSDIAVEW
ESNGQPENNYKTTPPVLDSDGSFFLYSKLTVDKSRWQQGNVFSCSVMHEALHNHYTQKSLSLSPGKLEGGGGLNDIFEAQ
KIEWHESRHHHHHH
;
A
2 'polypeptide(L)'
;EISEVQLVESGGGLVQPGGSLRLSCAASGFTWSGAYIHWVRQAPGKGLEWVASIYSAGGYTDYADSVKGRFTISADTSKN
TAYLQMNSLRAEDTAVYYCARYGTYELKSYGSWESLPAFDYWGQGTLVTVFNQIKGPSVFPLAPSSKSTSGGTAALGCLV
KDYFPEPVTVSWNSGALTSGVHTFPAVLQSSGLYSLSSVVTVPSSSLGTQTYICNVNHKPSNTKVDKKVEPKSCDKTHTG
GGGLNDIFEAQKIEWHE
;
C
3 'polypeptide(L)'
;DIQMTQSPSSLSASVGDRVTITCRASQSVSSAVAWYQQKPGKAPKLLIYSASSLYSGVPSRFSGSRSGTDFTLTISSLQP
EDFATYYCQQSEWGGLITFGQGTKVEIKRTVAAPSVFIFPPSDSQLKSGTASVVCLLNNFYPREAKVQWKVDNALQSGNS
QESVTEQDSKDSTYSLSSTLTLSKADYEKHKVYACEVTHQGLSSPVTKSFNRGEC
;
B
#
# COMPACT_ATOMS: atom_id res chain seq x y z
N THR A 1 10.34 16.03 -9.12
CA THR A 1 11.67 15.44 -9.04
C THR A 1 11.80 14.28 -10.02
N GLN A 2 11.80 13.07 -9.50
CA GLN A 2 11.80 11.87 -10.33
C GLN A 2 10.66 10.93 -10.02
N VAL A 3 10.31 10.77 -8.74
CA VAL A 3 9.19 9.94 -8.33
C VAL A 3 8.22 10.82 -7.55
N CYS A 4 6.94 10.46 -7.63
CA CYS A 4 5.91 11.19 -6.92
C CYS A 4 4.83 10.21 -6.50
N THR A 5 4.05 10.61 -5.51
CA THR A 5 2.93 9.79 -5.08
C THR A 5 1.73 10.05 -5.98
N GLY A 6 0.75 9.17 -5.90
CA GLY A 6 -0.45 9.34 -6.68
C GLY A 6 -1.59 9.90 -5.87
N THR A 7 -2.79 9.41 -6.14
CA THR A 7 -3.99 9.80 -5.42
C THR A 7 -4.85 8.57 -5.20
N ASP A 8 -5.65 8.60 -4.15
CA ASP A 8 -6.58 7.53 -3.83
C ASP A 8 -8.02 8.04 -3.83
N MET A 9 -8.28 9.10 -4.61
CA MET A 9 -9.61 9.69 -4.67
C MET A 9 -10.64 8.72 -5.24
N LYS A 10 -10.23 7.91 -6.22
CA LYS A 10 -11.11 7.01 -7.00
C LYS A 10 -12.14 7.88 -7.69
N LEU A 11 -13.44 7.57 -7.61
CA LEU A 11 -14.47 8.30 -8.31
C LEU A 11 -15.08 9.42 -7.48
N ARG A 12 -14.60 9.62 -6.26
CA ARG A 12 -15.12 10.63 -5.36
C ARG A 12 -14.88 12.05 -5.87
N LEU A 13 -15.78 12.95 -5.48
CA LEU A 13 -15.70 14.33 -5.89
C LEU A 13 -14.58 15.04 -5.13
N PRO A 14 -13.89 15.99 -5.76
CA PRO A 14 -12.84 16.73 -5.06
C PRO A 14 -13.34 17.44 -3.81
N ALA A 15 -12.52 17.38 -2.76
CA ALA A 15 -12.83 18.07 -1.51
C ALA A 15 -12.89 19.58 -1.72
N SER A 16 -11.84 20.14 -2.34
CA SER A 16 -11.78 21.56 -2.67
C SER A 16 -11.65 21.69 -4.18
N PRO A 17 -12.76 21.84 -4.91
CA PRO A 17 -12.67 21.98 -6.37
C PRO A 17 -11.86 23.18 -6.82
N GLU A 18 -11.96 24.31 -6.09
CA GLU A 18 -11.30 25.56 -6.47
C GLU A 18 -9.79 25.46 -6.45
N THR A 19 -9.23 24.37 -5.93
CA THR A 19 -7.79 24.16 -5.89
C THR A 19 -7.42 22.80 -6.46
N HIS A 20 -8.38 22.09 -7.06
CA HIS A 20 -8.17 20.71 -7.47
C HIS A 20 -7.07 20.60 -8.50
N LEU A 21 -7.13 21.44 -9.54
CA LEU A 21 -6.11 21.40 -10.58
C LEU A 21 -4.76 21.75 -10.01
N ASP A 22 -4.75 22.59 -8.97
CA ASP A 22 -3.48 23.02 -8.40
C ASP A 22 -2.81 21.88 -7.64
N MET A 23 -3.58 21.04 -6.93
CA MET A 23 -2.92 19.90 -6.29
C MET A 23 -2.33 19.00 -7.36
N LEU A 24 -3.06 18.85 -8.48
CA LEU A 24 -2.56 17.99 -9.54
C LEU A 24 -1.27 18.58 -10.09
N ARG A 25 -1.23 19.90 -10.21
CA ARG A 25 -0.04 20.55 -10.72
C ARG A 25 1.09 20.44 -9.71
N HIS A 26 0.75 20.39 -8.42
CA HIS A 26 1.79 20.20 -7.43
C HIS A 26 2.20 18.75 -7.31
N LEU A 27 1.35 17.81 -7.70
CA LEU A 27 1.69 16.41 -7.50
C LEU A 27 2.55 15.86 -8.63
N TYR A 28 2.28 16.27 -9.86
CA TYR A 28 2.87 15.61 -11.03
C TYR A 28 3.85 16.47 -11.80
N GLN A 29 4.15 17.69 -11.36
CA GLN A 29 5.07 18.55 -12.10
C GLN A 29 6.48 17.96 -12.05
N GLY A 30 7.04 17.67 -13.23
CA GLY A 30 8.36 17.12 -13.33
C GLY A 30 8.50 15.68 -12.90
N CYS A 31 7.40 15.02 -12.52
CA CYS A 31 7.45 13.66 -12.02
C CYS A 31 7.43 12.68 -13.17
N GLN A 32 8.32 11.70 -13.13
CA GLN A 32 8.42 10.66 -14.15
C GLN A 32 7.76 9.36 -13.73
N VAL A 33 7.93 8.95 -12.48
CA VAL A 33 7.36 7.70 -11.97
C VAL A 33 6.30 8.04 -10.94
N VAL A 34 5.06 7.65 -11.22
CA VAL A 34 3.97 7.85 -10.28
C VAL A 34 3.92 6.61 -9.40
N GLN A 35 4.40 6.74 -8.16
CA GLN A 35 4.41 5.63 -7.21
C GLN A 35 3.04 5.55 -6.54
N GLY A 36 2.06 5.17 -7.33
CA GLY A 36 0.68 5.13 -6.89
C GLY A 36 -0.24 5.15 -8.11
N ASN A 37 -1.44 5.68 -7.91
CA ASN A 37 -2.44 5.73 -8.95
C ASN A 37 -2.49 7.12 -9.57
N LEU A 38 -2.60 7.17 -10.90
CA LEU A 38 -2.70 8.42 -11.63
C LEU A 38 -4.17 8.67 -11.92
N GLU A 39 -4.80 9.51 -11.11
CA GLU A 39 -6.22 9.78 -11.20
C GLU A 39 -6.43 11.22 -11.68
N LEU A 40 -6.97 11.35 -12.88
CA LEU A 40 -7.31 12.64 -13.48
C LEU A 40 -8.83 12.69 -13.54
N THR A 41 -9.43 13.44 -12.63
CA THR A 41 -10.87 13.48 -12.46
C THR A 41 -11.36 14.91 -12.37
N TYR A 42 -12.58 15.12 -12.88
CA TYR A 42 -13.33 16.37 -12.74
C TYR A 42 -12.55 17.59 -13.22
N LEU A 43 -11.93 17.45 -14.37
CA LEU A 43 -11.08 18.49 -14.94
C LEU A 43 -11.90 19.38 -15.87
N PRO A 44 -11.85 20.71 -15.70
CA PRO A 44 -12.65 21.60 -16.56
C PRO A 44 -12.16 21.58 -18.01
N THR A 45 -13.10 21.90 -18.91
CA THR A 45 -12.91 21.84 -20.36
C THR A 45 -11.60 22.45 -20.87
N ASN A 46 -11.10 23.51 -20.25
CA ASN A 46 -9.90 24.19 -20.74
C ASN A 46 -8.76 24.12 -19.73
N ALA A 47 -8.69 23.03 -18.97
CA ALA A 47 -7.62 22.85 -17.99
C ALA A 47 -6.27 22.68 -18.68
N SER A 48 -5.25 23.31 -18.13
CA SER A 48 -3.89 23.19 -18.63
C SER A 48 -3.24 22.00 -17.92
N LEU A 49 -3.00 20.92 -18.66
CA LEU A 49 -2.49 19.67 -18.11
C LEU A 49 -1.05 19.40 -18.51
N SER A 50 -0.29 20.45 -18.84
CA SER A 50 1.07 20.30 -19.32
C SER A 50 2.01 19.69 -18.28
N PHE A 51 1.62 19.69 -17.01
CA PHE A 51 2.48 19.14 -15.96
C PHE A 51 2.55 17.62 -16.00
N LEU A 52 1.72 16.95 -16.79
CA LEU A 52 1.73 15.50 -16.87
C LEU A 52 2.64 14.97 -17.97
N GLN A 53 3.30 15.86 -18.72
CA GLN A 53 4.03 15.46 -19.91
C GLN A 53 5.30 14.67 -19.61
N ASP A 54 5.76 14.64 -18.37
CA ASP A 54 6.99 13.92 -18.04
C ASP A 54 6.73 12.53 -17.47
N ILE A 55 5.48 12.12 -17.30
CA ILE A 55 5.18 10.85 -16.66
C ILE A 55 5.47 9.70 -17.61
N GLN A 56 6.30 8.75 -17.17
CA GLN A 56 6.63 7.58 -17.95
C GLN A 56 6.14 6.27 -17.36
N GLU A 57 5.92 6.21 -16.05
CA GLU A 57 5.53 4.96 -15.41
C GLU A 57 4.52 5.26 -14.30
N VAL A 58 3.47 4.46 -14.24
CA VAL A 58 2.50 4.50 -13.16
C VAL A 58 2.52 3.13 -12.49
N GLN A 59 2.83 3.10 -11.20
CA GLN A 59 2.92 1.84 -10.48
C GLN A 59 1.55 1.26 -10.17
N GLY A 60 0.57 2.10 -9.88
CA GLY A 60 -0.79 1.64 -9.64
C GLY A 60 -1.59 1.55 -10.91
N TYR A 61 -2.75 2.21 -10.93
CA TYR A 61 -3.60 2.25 -12.11
C TYR A 61 -3.72 3.69 -12.62
N VAL A 62 -4.21 3.81 -13.85
CA VAL A 62 -4.49 5.09 -14.47
C VAL A 62 -6.00 5.21 -14.61
N LEU A 63 -6.58 6.25 -14.03
CA LEU A 63 -8.01 6.49 -14.09
C LEU A 63 -8.23 7.89 -14.64
N ILE A 64 -8.95 7.99 -15.75
CA ILE A 64 -9.31 9.26 -16.38
C ILE A 64 -10.83 9.30 -16.37
N ALA A 65 -11.39 10.05 -15.43
CA ALA A 65 -12.82 9.96 -15.20
C ALA A 65 -13.45 11.34 -15.08
N HIS A 66 -14.69 11.46 -15.59
CA HIS A 66 -15.55 12.62 -15.37
C HIS A 66 -14.90 13.93 -15.79
N ASN A 67 -14.21 13.91 -16.93
CA ASN A 67 -13.44 15.07 -17.36
C ASN A 67 -14.09 15.72 -18.57
N GLN A 68 -13.80 17.00 -18.75
CA GLN A 68 -14.22 17.75 -19.92
C GLN A 68 -13.04 18.18 -20.78
N VAL A 69 -11.81 17.85 -20.39
CA VAL A 69 -10.65 18.13 -21.22
C VAL A 69 -10.70 17.30 -22.49
N ARG A 70 -10.56 17.96 -23.64
CA ARG A 70 -10.61 17.26 -24.91
C ARG A 70 -9.41 16.36 -25.12
N GLN A 71 -8.26 16.68 -24.53
CA GLN A 71 -7.08 15.83 -24.62
C GLN A 71 -6.37 15.80 -23.28
N VAL A 72 -5.89 14.62 -22.92
CA VAL A 72 -5.04 14.41 -21.75
C VAL A 72 -3.64 14.06 -22.25
N PRO A 73 -2.64 14.88 -21.99
CA PRO A 73 -1.29 14.66 -22.55
C PRO A 73 -0.40 13.67 -21.79
N LEU A 74 -0.63 12.39 -22.05
CA LEU A 74 0.14 11.31 -21.44
C LEU A 74 0.96 10.54 -22.47
N GLN A 75 1.45 11.22 -23.50
CA GLN A 75 2.12 10.56 -24.62
C GLN A 75 3.39 9.84 -24.18
N ARG A 76 4.13 10.42 -23.22
CA ARG A 76 5.36 9.79 -22.75
C ARG A 76 5.13 8.49 -21.99
N LEU A 77 4.00 8.35 -21.29
CA LEU A 77 3.65 7.19 -20.46
C LEU A 77 3.94 5.87 -21.14
N ARG A 78 4.82 5.08 -20.54
CA ARG A 78 5.34 3.85 -21.12
C ARG A 78 4.74 2.59 -20.51
N ILE A 79 4.70 2.47 -19.19
CA ILE A 79 4.32 1.23 -18.52
C ILE A 79 3.38 1.53 -17.37
N VAL A 80 2.32 0.72 -17.25
CA VAL A 80 1.45 0.71 -16.08
C VAL A 80 1.65 -0.62 -15.38
N ARG A 81 2.17 -0.57 -14.15
CA ARG A 81 2.52 -1.80 -13.45
C ARG A 81 1.30 -2.52 -12.89
N GLY A 82 0.22 -1.79 -12.61
CA GLY A 82 -0.98 -2.41 -12.10
C GLY A 82 -0.84 -3.03 -10.73
N THR A 83 -0.01 -2.44 -9.86
CA THR A 83 0.08 -2.88 -8.48
C THR A 83 -1.24 -2.70 -7.75
N GLN A 84 -1.94 -1.60 -8.03
CA GLN A 84 -3.30 -1.39 -7.57
C GLN A 84 -4.19 -1.31 -8.79
N LEU A 85 -5.41 -1.81 -8.68
CA LEU A 85 -6.32 -1.84 -9.81
C LEU A 85 -7.62 -1.13 -9.45
N PHE A 86 -8.22 -0.49 -10.45
CA PHE A 86 -9.50 0.18 -10.27
C PHE A 86 -10.59 -0.87 -10.35
N GLU A 87 -11.41 -0.94 -9.29
CA GLU A 87 -12.49 -1.91 -9.13
C GLU A 87 -11.95 -3.34 -9.00
N ASP A 88 -10.67 -3.45 -8.68
CA ASP A 88 -9.89 -4.67 -8.44
C ASP A 88 -9.61 -5.45 -9.72
N ASN A 89 -9.86 -4.87 -10.89
CA ASN A 89 -9.66 -5.57 -12.15
C ASN A 89 -8.95 -4.77 -13.24
N TYR A 90 -8.95 -3.44 -13.18
CA TYR A 90 -8.52 -2.63 -14.32
C TYR A 90 -7.30 -1.78 -13.95
N ALA A 91 -6.31 -1.78 -14.83
CA ALA A 91 -5.16 -0.89 -14.69
C ALA A 91 -5.32 0.38 -15.48
N LEU A 92 -6.26 0.43 -16.41
CA LEU A 92 -6.56 1.64 -17.17
C LEU A 92 -8.07 1.75 -17.24
N ALA A 93 -8.61 2.85 -16.73
CA ALA A 93 -10.05 3.05 -16.68
C ALA A 93 -10.36 4.47 -17.17
N VAL A 94 -11.12 4.55 -18.26
CA VAL A 94 -11.46 5.83 -18.90
C VAL A 94 -12.98 5.90 -18.89
N LEU A 95 -13.56 6.70 -18.00
CA LEU A 95 -14.99 6.67 -17.73
C LEU A 95 -15.61 8.06 -17.75
N ASP A 96 -16.77 8.17 -18.40
CA ASP A 96 -17.69 9.32 -18.28
C ASP A 96 -17.02 10.66 -18.60
N ASN A 97 -16.18 10.68 -19.63
CA ASN A 97 -15.55 11.92 -20.07
C ASN A 97 -16.40 12.50 -21.20
N GLY A 98 -17.22 13.49 -20.86
CA GLY A 98 -18.12 14.10 -21.82
C GLY A 98 -19.51 14.32 -21.24
N SER A 111 -16.22 22.09 -30.07
CA SER A 111 -17.11 22.66 -29.05
C SER A 111 -17.52 21.69 -27.91
N PRO A 112 -18.08 20.51 -28.19
CA PRO A 112 -18.50 19.63 -27.07
C PRO A 112 -17.33 19.19 -26.22
N GLY A 113 -17.55 19.14 -24.91
CA GLY A 113 -16.52 18.70 -24.00
C GLY A 113 -16.38 17.19 -23.98
N GLY A 114 -15.26 16.74 -23.41
CA GLY A 114 -15.02 15.33 -23.29
C GLY A 114 -13.79 14.86 -24.05
N LEU A 115 -13.18 13.79 -23.58
CA LEU A 115 -11.95 13.26 -24.16
C LEU A 115 -12.19 12.77 -25.58
N ARG A 116 -11.42 13.31 -26.53
CA ARG A 116 -11.56 12.94 -27.93
C ARG A 116 -10.62 11.82 -28.36
N GLU A 117 -9.42 11.77 -27.79
CA GLU A 117 -8.42 10.78 -28.18
C GLU A 117 -7.58 10.43 -26.97
N LEU A 118 -7.33 9.13 -26.78
CA LEU A 118 -6.49 8.69 -25.66
C LEU A 118 -5.05 9.18 -25.83
N GLN A 119 -4.50 9.06 -27.03
CA GLN A 119 -3.15 9.54 -27.38
C GLN A 119 -2.07 8.97 -26.47
N LEU A 120 -2.20 7.69 -26.13
CA LEU A 120 -1.19 6.99 -25.33
C LEU A 120 -0.13 6.39 -26.27
N ARG A 121 0.70 7.29 -26.81
CA ARG A 121 1.64 6.92 -27.88
C ARG A 121 2.66 5.91 -27.39
N SER A 122 3.19 6.06 -26.18
CA SER A 122 4.24 5.21 -25.68
C SER A 122 3.73 4.04 -24.85
N LEU A 123 2.43 3.93 -24.62
CA LEU A 123 1.90 2.86 -23.77
C LEU A 123 2.06 1.53 -24.49
N THR A 124 2.98 0.71 -23.98
CA THR A 124 3.25 -0.59 -24.56
C THR A 124 3.25 -1.72 -23.54
N GLU A 125 3.10 -1.43 -22.25
CA GLU A 125 3.12 -2.47 -21.23
C GLU A 125 2.09 -2.20 -20.16
N ILE A 126 1.31 -3.24 -19.82
CA ILE A 126 0.44 -3.24 -18.65
C ILE A 126 0.72 -4.57 -17.93
N LEU A 127 1.48 -4.50 -16.83
CA LEU A 127 1.95 -5.70 -16.15
C LEU A 127 0.80 -6.50 -15.54
N LYS A 128 -0.14 -5.83 -14.88
CA LYS A 128 -1.30 -6.50 -14.31
C LYS A 128 -2.54 -5.65 -14.54
N GLY A 129 -3.70 -6.29 -14.58
CA GLY A 129 -4.96 -5.60 -14.74
C GLY A 129 -5.35 -5.39 -16.19
N GLY A 130 -6.57 -4.88 -16.37
CA GLY A 130 -7.13 -4.74 -17.70
C GLY A 130 -7.54 -3.32 -18.06
N VAL A 131 -8.45 -3.20 -19.02
CA VAL A 131 -8.83 -1.91 -19.60
C VAL A 131 -10.33 -1.76 -19.54
N LEU A 132 -10.79 -0.61 -19.03
CA LEU A 132 -12.20 -0.27 -18.91
C LEU A 132 -12.41 1.10 -19.55
N ILE A 133 -13.00 1.13 -20.74
CA ILE A 133 -13.34 2.37 -21.42
C ILE A 133 -14.86 2.39 -21.62
N GLN A 134 -15.56 3.20 -20.82
CA GLN A 134 -17.02 3.25 -20.83
C GLN A 134 -17.51 4.69 -20.86
N ARG A 135 -18.54 4.94 -21.68
CA ARG A 135 -19.34 6.17 -21.67
C ARG A 135 -18.50 7.40 -21.99
N ASN A 136 -17.82 7.36 -23.12
CA ASN A 136 -16.98 8.47 -23.60
C ASN A 136 -17.54 8.91 -24.94
N PRO A 137 -18.51 9.84 -24.93
CA PRO A 137 -19.26 10.17 -26.17
C PRO A 137 -18.42 10.67 -27.32
N GLN A 138 -17.23 11.24 -27.07
CA GLN A 138 -16.43 11.81 -28.14
C GLN A 138 -15.10 11.11 -28.33
N LEU A 139 -14.85 10.03 -27.61
CA LEU A 139 -13.61 9.28 -27.78
C LEU A 139 -13.61 8.53 -29.09
N CYS A 140 -12.46 8.52 -29.76
CA CYS A 140 -12.25 7.80 -31.00
C CYS A 140 -11.01 6.93 -30.86
N TYR A 141 -10.95 5.90 -31.70
CA TYR A 141 -9.80 5.01 -31.91
C TYR A 141 -9.53 4.09 -30.74
N GLN A 142 -10.45 3.97 -29.80
CA GLN A 142 -10.20 3.15 -28.62
C GLN A 142 -10.41 1.67 -28.90
N ASP A 143 -11.19 1.32 -29.91
CA ASP A 143 -11.43 -0.06 -30.29
C ASP A 143 -10.38 -0.60 -31.26
N THR A 144 -9.71 0.28 -31.99
CA THR A 144 -8.71 -0.15 -32.97
C THR A 144 -7.45 -0.68 -32.32
N ILE A 145 -7.16 -0.27 -31.09
CA ILE A 145 -5.90 -0.63 -30.44
C ILE A 145 -5.88 -2.12 -30.13
N LEU A 146 -4.78 -2.79 -30.46
CA LEU A 146 -4.58 -4.19 -30.14
C LEU A 146 -4.12 -4.28 -28.69
N TRP A 147 -5.09 -4.39 -27.78
CA TRP A 147 -4.79 -4.39 -26.36
C TRP A 147 -4.06 -5.64 -25.91
N LYS A 148 -4.12 -6.72 -26.69
CA LYS A 148 -3.39 -7.93 -26.34
C LYS A 148 -1.88 -7.73 -26.44
N ASP A 149 -1.45 -6.83 -27.32
CA ASP A 149 -0.02 -6.52 -27.41
C ASP A 149 0.46 -5.73 -26.20
N ILE A 150 -0.37 -4.81 -25.70
CA ILE A 150 0.03 -3.97 -24.57
C ILE A 150 0.09 -4.79 -23.29
N PHE A 151 -0.87 -5.71 -23.11
CA PHE A 151 -0.88 -6.55 -21.92
C PHE A 151 0.34 -7.46 -21.87
N HIS A 152 0.84 -7.69 -20.66
CA HIS A 152 1.99 -8.56 -20.48
C HIS A 152 1.62 -10.01 -20.78
N LYS A 153 2.65 -10.84 -20.97
CA LYS A 153 2.45 -12.24 -21.30
C LYS A 153 1.70 -12.98 -20.20
N ASN A 154 2.00 -12.67 -18.95
CA ASN A 154 1.31 -13.27 -17.81
C ASN A 154 0.04 -12.53 -17.43
N ASN A 155 -0.35 -11.50 -18.18
CA ASN A 155 -1.55 -10.73 -17.89
C ASN A 155 -2.58 -10.90 -19.03
N GLN A 156 -2.48 -12.00 -19.78
CA GLN A 156 -3.37 -12.23 -20.91
C GLN A 156 -4.83 -12.41 -20.48
N LEU A 157 -5.07 -12.96 -19.29
CA LEU A 157 -6.42 -13.18 -18.79
C LEU A 157 -7.12 -11.91 -18.31
N ALA A 158 -6.46 -10.76 -18.41
CA ALA A 158 -7.07 -9.48 -18.00
C ALA A 158 -8.28 -9.15 -18.86
N LEU A 159 -9.33 -8.66 -18.21
CA LEU A 159 -10.55 -8.30 -18.93
C LEU A 159 -10.27 -7.10 -19.83
N THR A 160 -11.23 -6.77 -20.70
CA THR A 160 -11.07 -5.62 -21.62
C THR A 160 -12.45 -5.14 -22.08
N LEU A 161 -13.20 -4.47 -21.21
CA LEU A 161 -14.51 -3.90 -21.56
C LEU A 161 -14.33 -2.53 -22.18
N ILE A 162 -14.32 -2.44 -23.51
CA ILE A 162 -14.15 -1.15 -24.20
C ILE A 162 -15.46 -0.81 -24.92
N ASP A 163 -16.24 0.11 -24.33
CA ASP A 163 -17.50 0.58 -24.95
C ASP A 163 -17.20 1.21 -26.28
N THR A 164 -18.20 1.19 -27.19
CA THR A 164 -17.97 1.73 -28.51
C THR A 164 -18.98 2.84 -28.86
N ASN A 165 -19.91 3.15 -27.96
CA ASN A 165 -20.94 4.14 -28.24
C ASN A 165 -20.34 5.53 -28.38
N ARG A 166 -20.61 6.17 -29.51
CA ARG A 166 -19.96 7.41 -29.90
C ARG A 166 -20.99 8.40 -30.42
N SER A 167 -20.88 9.66 -29.99
CA SER A 167 -21.77 10.72 -30.44
C SER A 167 -21.11 11.65 -31.44
N ARG A 168 -20.14 11.16 -32.21
CA ARG A 168 -19.51 11.98 -33.24
C ARG A 168 -18.94 11.07 -34.33
N ALA A 169 -18.75 11.67 -35.50
CA ALA A 169 -18.12 10.95 -36.61
C ALA A 169 -16.65 10.68 -36.30
N CYS A 170 -16.19 9.48 -36.66
CA CYS A 170 -14.85 9.03 -36.34
C CYS A 170 -14.04 8.95 -37.64
N HIS A 171 -13.03 9.81 -37.75
CA HIS A 171 -12.20 9.86 -38.94
C HIS A 171 -11.31 8.63 -39.02
N PRO A 172 -10.94 8.19 -40.22
CA PRO A 172 -10.08 7.00 -40.34
C PRO A 172 -8.68 7.24 -39.77
N CYS A 173 -8.05 6.15 -39.35
CA CYS A 173 -6.67 6.19 -38.87
C CYS A 173 -5.74 6.65 -39.98
N SER A 174 -4.62 7.24 -39.59
CA SER A 174 -3.69 7.85 -40.52
C SER A 174 -3.13 6.83 -41.51
N PRO A 175 -2.85 7.25 -42.76
CA PRO A 175 -2.31 6.31 -43.75
C PRO A 175 -0.99 5.67 -43.35
N MET A 176 -0.13 6.42 -42.65
CA MET A 176 1.15 5.90 -42.18
C MET A 176 0.97 4.70 -41.25
N CYS A 177 -0.14 4.64 -40.51
CA CYS A 177 -0.43 3.50 -39.66
C CYS A 177 -0.67 2.28 -40.54
N LYS A 178 0.29 1.35 -40.55
CA LYS A 178 0.24 0.20 -41.46
C LYS A 178 -0.93 -0.72 -41.14
N GLY A 179 -1.14 -1.02 -39.85
CA GLY A 179 -2.20 -1.91 -39.45
C GLY A 179 -3.50 -1.23 -39.07
N SER A 180 -3.62 0.08 -39.32
CA SER A 180 -4.78 0.90 -38.94
C SER A 180 -5.05 0.84 -37.44
N ARG A 181 -4.00 0.66 -36.64
CA ARG A 181 -4.07 0.66 -35.18
C ARG A 181 -3.44 1.97 -34.73
N CYS A 182 -4.26 2.93 -34.32
CA CYS A 182 -3.79 4.27 -34.02
C CYS A 182 -4.46 4.79 -32.76
N TRP A 183 -3.73 5.64 -32.04
CA TRP A 183 -4.27 6.33 -30.88
C TRP A 183 -4.92 7.67 -31.23
N GLY A 184 -4.72 8.17 -32.44
CA GLY A 184 -5.20 9.49 -32.78
C GLY A 184 -5.21 9.68 -34.28
N GLU A 185 -5.73 10.84 -34.69
CA GLU A 185 -5.73 11.20 -36.11
C GLU A 185 -4.33 11.38 -36.66
N SER A 186 -3.41 11.87 -35.84
CA SER A 186 -2.05 12.20 -36.30
C SER A 186 -1.29 10.96 -36.74
N SER A 187 -0.39 11.16 -37.71
CA SER A 187 0.47 10.08 -38.18
C SER A 187 1.42 9.59 -37.10
N GLU A 188 1.80 10.46 -36.17
CA GLU A 188 2.65 10.06 -35.05
C GLU A 188 1.93 9.18 -34.04
N ASP A 189 0.62 9.03 -34.15
CA ASP A 189 -0.20 8.33 -33.17
C ASP A 189 -0.38 6.84 -33.47
N CYS A 190 0.31 6.32 -34.48
CA CYS A 190 0.23 4.90 -34.79
C CYS A 190 0.72 4.07 -33.61
N GLN A 191 0.03 2.95 -33.37
CA GLN A 191 0.44 2.06 -32.29
C GLN A 191 1.70 1.30 -32.66
N SER A 192 2.62 1.21 -31.71
CA SER A 192 3.83 0.43 -31.87
C SER A 192 3.61 -0.96 -31.28
N LEU A 193 3.83 -1.98 -32.07
CA LEU A 193 3.59 -3.36 -31.66
C LEU A 193 4.90 -3.98 -31.20
N THR A 194 4.89 -4.51 -29.97
CA THR A 194 6.08 -5.11 -29.39
C THR A 194 5.92 -6.61 -29.19
N ARG A 195 4.90 -7.05 -28.45
CA ARG A 195 4.72 -8.46 -28.12
C ARG A 195 4.54 -9.34 -29.37
N THR A 196 3.54 -9.01 -30.19
CA THR A 196 3.07 -9.92 -31.24
C THR A 196 4.13 -10.17 -32.32
N VAL A 197 4.88 -9.13 -32.70
CA VAL A 197 5.80 -9.22 -33.83
C VAL A 197 6.96 -10.19 -33.56
N CYS A 198 7.35 -10.36 -32.29
CA CYS A 198 8.54 -11.10 -31.86
C CYS A 198 8.75 -12.47 -32.48
N ALA A 199 9.82 -12.60 -33.27
CA ALA A 199 10.27 -13.91 -33.69
C ALA A 199 10.84 -14.66 -32.48
N GLY A 200 10.56 -15.95 -32.41
CA GLY A 200 10.91 -16.69 -31.21
C GLY A 200 9.91 -16.44 -30.09
N GLY A 201 10.33 -16.78 -28.88
CA GLY A 201 9.52 -16.65 -27.69
C GLY A 201 9.72 -15.38 -26.90
N CYS A 202 10.37 -14.37 -27.47
CA CYS A 202 10.60 -13.07 -26.81
C CYS A 202 9.32 -12.47 -26.25
N ALA A 203 9.39 -12.02 -24.99
CA ALA A 203 8.28 -11.29 -24.40
C ALA A 203 8.06 -9.96 -25.12
N ARG A 204 9.14 -9.23 -25.40
CA ARG A 204 9.05 -7.95 -26.10
C ARG A 204 10.22 -7.86 -27.07
N CYS A 205 10.01 -7.12 -28.16
CA CYS A 205 11.07 -6.89 -29.13
C CYS A 205 10.91 -5.50 -29.71
N LYS A 206 11.98 -4.99 -30.30
CA LYS A 206 11.95 -3.71 -31.00
C LYS A 206 11.67 -3.87 -32.49
N GLY A 207 11.72 -5.09 -33.02
CA GLY A 207 11.55 -5.32 -34.43
C GLY A 207 11.24 -6.76 -34.76
N PRO A 208 10.89 -7.03 -36.02
CA PRO A 208 10.57 -8.40 -36.45
C PRO A 208 11.70 -9.40 -36.26
N LEU A 209 12.95 -8.99 -36.48
CA LEU A 209 14.07 -9.92 -36.55
C LEU A 209 14.39 -10.51 -35.18
N PRO A 210 15.00 -11.71 -35.14
CA PRO A 210 15.40 -12.29 -33.84
C PRO A 210 16.44 -11.46 -33.11
N THR A 211 17.32 -10.77 -33.83
CA THR A 211 18.31 -9.89 -33.21
C THR A 211 17.63 -8.76 -32.44
N ASP A 212 16.46 -8.32 -32.90
CA ASP A 212 15.71 -7.22 -32.29
C ASP A 212 15.00 -7.60 -31.00
N CYS A 213 15.25 -8.80 -30.47
CA CYS A 213 14.68 -9.22 -29.21
C CYS A 213 15.19 -8.38 -28.05
N CYS A 214 14.34 -8.20 -27.05
CA CYS A 214 14.68 -7.44 -25.86
C CYS A 214 15.19 -8.40 -24.78
N HIS A 215 16.07 -7.88 -23.92
CA HIS A 215 16.58 -8.65 -22.80
C HIS A 215 15.43 -9.07 -21.87
N GLU A 216 15.67 -10.15 -21.11
CA GLU A 216 14.63 -10.72 -20.27
C GLU A 216 14.12 -9.74 -19.21
N GLN A 217 15.01 -8.93 -18.67
CA GLN A 217 14.63 -7.95 -17.65
C GLN A 217 13.92 -6.73 -18.22
N CYS A 218 13.90 -6.56 -19.54
CA CYS A 218 13.24 -5.41 -20.12
C CYS A 218 11.71 -5.56 -20.07
N ALA A 219 11.04 -4.43 -19.93
CA ALA A 219 9.60 -4.32 -20.06
C ALA A 219 9.32 -3.19 -21.04
N ALA A 220 8.27 -3.35 -21.85
CA ALA A 220 7.64 -2.38 -22.73
C ALA A 220 8.43 -2.15 -24.03
N GLY A 221 9.52 -2.86 -24.25
CA GLY A 221 10.36 -2.64 -25.40
C GLY A 221 11.78 -2.26 -25.00
N CYS A 222 12.59 -2.01 -26.03
CA CYS A 222 14.01 -1.76 -25.81
C CYS A 222 14.58 -1.02 -27.01
N THR A 223 15.65 -0.28 -26.76
CA THR A 223 16.38 0.39 -27.83
C THR A 223 17.46 -0.52 -28.41
N GLY A 224 17.72 -1.67 -27.76
CA GLY A 224 18.72 -2.60 -28.19
C GLY A 224 18.68 -3.88 -27.38
N PRO A 225 19.66 -4.76 -27.57
CA PRO A 225 19.58 -6.08 -26.95
C PRO A 225 20.04 -6.14 -25.50
N LYS A 226 20.75 -5.13 -25.00
CA LYS A 226 21.32 -5.22 -23.67
C LYS A 226 20.29 -4.86 -22.60
N HIS A 227 20.65 -5.10 -21.35
CA HIS A 227 19.78 -4.77 -20.22
C HIS A 227 19.81 -3.29 -19.87
N SER A 228 20.80 -2.54 -20.37
CA SER A 228 20.78 -1.10 -20.24
C SER A 228 19.76 -0.46 -21.16
N ASP A 229 19.57 -1.03 -22.36
CA ASP A 229 18.76 -0.45 -23.42
C ASP A 229 17.25 -0.64 -23.25
N CYS A 230 16.79 -1.25 -22.16
CA CYS A 230 15.36 -1.43 -21.94
C CYS A 230 14.63 -0.09 -21.84
N LEU A 231 13.43 -0.04 -22.44
CA LEU A 231 12.58 1.15 -22.32
C LEU A 231 11.97 1.25 -20.92
N ALA A 232 11.78 0.12 -20.26
CA ALA A 232 11.34 0.09 -18.88
C ALA A 232 11.87 -1.19 -18.26
N CYS A 233 11.78 -1.27 -16.93
CA CYS A 233 12.34 -2.40 -16.21
C CYS A 233 11.21 -3.27 -15.72
N LEU A 234 11.30 -4.57 -16.01
CA LEU A 234 10.26 -5.51 -15.60
C LEU A 234 10.17 -5.59 -14.09
N HIS A 235 11.33 -5.66 -13.43
CA HIS A 235 11.34 -5.74 -11.97
C HIS A 235 11.99 -4.54 -11.31
N PHE A 236 13.28 -4.29 -11.54
CA PHE A 236 13.93 -3.21 -10.82
C PHE A 236 14.90 -2.46 -11.72
N ASN A 237 15.05 -1.17 -11.45
CA ASN A 237 16.00 -0.31 -12.15
C ASN A 237 17.13 0.01 -11.17
N HIS A 238 18.32 -0.46 -11.49
CA HIS A 238 19.55 -0.22 -10.75
C HIS A 238 20.42 0.67 -11.63
N SER A 239 20.22 1.99 -11.49
CA SER A 239 21.02 3.03 -12.15
C SER A 239 21.11 2.82 -13.66
N GLY A 240 19.96 2.63 -14.29
CA GLY A 240 19.90 2.43 -15.72
C GLY A 240 20.07 0.99 -16.17
N ILE A 241 20.23 0.05 -15.25
CA ILE A 241 20.36 -1.36 -15.59
C ILE A 241 19.14 -2.09 -15.03
N CYS A 242 18.50 -2.92 -15.85
CA CYS A 242 17.32 -3.62 -15.40
C CYS A 242 17.74 -4.92 -14.73
N GLU A 243 17.18 -5.18 -13.55
CA GLU A 243 17.60 -6.29 -12.71
C GLU A 243 16.38 -7.01 -12.15
N LEU A 244 16.57 -8.32 -11.93
CA LEU A 244 15.54 -9.13 -11.29
C LEU A 244 15.30 -8.69 -9.85
N HIS A 245 16.37 -8.37 -9.14
CA HIS A 245 16.29 -7.93 -7.75
C HIS A 245 17.42 -6.97 -7.47
N CYS A 246 17.22 -6.12 -6.47
CA CYS A 246 18.27 -5.21 -6.04
C CYS A 246 19.44 -6.01 -5.44
N PRO A 247 20.67 -5.52 -5.60
CA PRO A 247 21.82 -6.21 -5.01
C PRO A 247 21.69 -6.34 -3.50
N ALA A 248 22.06 -7.50 -2.99
CA ALA A 248 21.93 -7.78 -1.57
C ALA A 248 22.92 -6.96 -0.76
N LEU A 249 22.46 -6.49 0.41
CA LEU A 249 23.31 -5.69 1.26
C LEU A 249 24.37 -6.53 1.95
N VAL A 250 24.04 -7.78 2.30
CA VAL A 250 25.00 -8.73 2.86
C VAL A 250 24.98 -9.99 2.01
N THR A 251 26.15 -10.67 1.96
CA THR A 251 26.34 -11.88 1.13
C THR A 251 26.89 -13.01 2.00
N PHE A 252 26.03 -13.67 2.77
CA PHE A 252 26.39 -14.87 3.53
C PHE A 252 27.10 -15.93 2.68
N SER A 259 28.90 -13.23 7.99
CA SER A 259 28.22 -12.09 7.37
C SER A 259 29.15 -10.90 7.21
N MET A 260 29.20 -10.35 6.00
CA MET A 260 30.00 -9.17 5.72
C MET A 260 29.21 -8.21 4.84
N PRO A 261 29.41 -6.90 5.01
CA PRO A 261 28.69 -5.94 4.17
C PRO A 261 29.11 -6.05 2.72
N ASN A 262 28.14 -5.88 1.81
CA ASN A 262 28.41 -5.91 0.40
C ASN A 262 28.46 -4.43 -0.01
N PRO A 263 29.61 -3.91 -0.44
CA PRO A 263 29.69 -2.48 -0.81
C PRO A 263 28.77 -2.08 -1.95
N GLU A 264 28.46 -2.98 -2.87
CA GLU A 264 27.59 -2.68 -4.00
C GLU A 264 26.13 -2.95 -3.71
N GLY A 265 25.80 -3.31 -2.48
CA GLY A 265 24.41 -3.57 -2.13
C GLY A 265 23.57 -2.31 -2.17
N ARG A 266 22.29 -2.49 -2.49
CA ARG A 266 21.36 -1.38 -2.63
C ARG A 266 20.12 -1.65 -1.79
N TYR A 267 19.22 -0.68 -1.82
CA TYR A 267 17.95 -0.73 -1.10
C TYR A 267 16.82 -0.75 -2.11
N THR A 268 15.78 -1.52 -1.82
CA THR A 268 14.65 -1.66 -2.71
C THR A 268 13.62 -0.59 -2.39
N PHE A 269 13.46 0.38 -3.29
CA PHE A 269 12.47 1.43 -3.14
C PHE A 269 11.66 1.51 -4.41
N GLY A 270 10.34 1.31 -4.28
CA GLY A 270 9.48 1.23 -5.46
C GLY A 270 9.96 0.15 -6.41
N ALA A 271 10.15 0.53 -7.67
CA ALA A 271 10.72 -0.33 -8.68
C ALA A 271 12.19 0.00 -8.96
N SER A 272 12.86 0.62 -8.01
CA SER A 272 14.22 1.10 -8.18
C SER A 272 15.13 0.58 -7.08
N CYS A 273 16.42 0.55 -7.39
CA CYS A 273 17.47 0.26 -6.43
C CYS A 273 18.18 1.57 -6.09
N VAL A 274 18.25 1.88 -4.80
CA VAL A 274 18.75 3.18 -4.35
C VAL A 274 19.87 2.97 -3.34
N THR A 275 20.75 3.97 -3.23
CA THR A 275 21.87 3.86 -2.30
C THR A 275 21.39 3.92 -0.85
N ALA A 276 20.39 4.75 -0.57
CA ALA A 276 19.82 4.86 0.75
C ALA A 276 18.31 5.02 0.61
N CYS A 277 17.59 4.60 1.65
CA CYS A 277 16.14 4.79 1.68
C CYS A 277 15.82 6.29 1.72
N PRO A 278 14.69 6.69 1.13
CA PRO A 278 14.33 8.12 1.13
C PRO A 278 14.03 8.67 2.51
N TYR A 279 13.74 9.98 2.57
CA TYR A 279 13.75 10.72 3.82
C TYR A 279 12.69 10.21 4.80
N ASN A 280 11.46 9.99 4.32
CA ASN A 280 10.36 9.67 5.20
C ASN A 280 10.13 8.17 5.34
N TYR A 281 10.99 7.35 4.76
CA TYR A 281 10.80 5.90 4.73
C TYR A 281 11.66 5.22 5.78
N LEU A 282 11.37 3.94 6.00
CA LEU A 282 12.04 3.12 6.98
C LEU A 282 12.89 2.07 6.28
N SER A 283 14.11 1.88 6.76
CA SER A 283 14.98 0.83 6.24
C SER A 283 14.69 -0.47 6.97
N THR A 284 14.73 -1.57 6.23
CA THR A 284 14.54 -2.89 6.82
C THR A 284 15.89 -3.62 6.76
N ASP A 285 16.04 -4.61 7.63
CA ASP A 285 17.29 -5.38 7.67
C ASP A 285 17.53 -6.13 6.37
N VAL A 286 16.46 -6.64 5.74
CA VAL A 286 16.60 -7.36 4.49
C VAL A 286 16.93 -6.44 3.33
N GLY A 287 16.66 -5.15 3.46
CA GLY A 287 16.99 -4.18 2.46
C GLY A 287 15.83 -3.55 1.71
N PHE A 288 14.63 -3.53 2.28
CA PHE A 288 13.49 -2.90 1.66
C PHE A 288 13.20 -1.56 2.33
N CYS A 289 12.72 -0.61 1.54
CA CYS A 289 12.31 0.69 2.04
C CYS A 289 10.80 0.67 2.24
N THR A 290 10.37 0.90 3.47
CA THR A 290 8.98 0.70 3.85
C THR A 290 8.46 1.92 4.60
N LEU A 291 7.12 2.00 4.65
CA LEU A 291 6.44 3.02 5.45
C LEU A 291 5.88 2.49 6.75
N VAL A 292 5.68 1.19 6.87
CA VAL A 292 5.25 0.56 8.11
C VAL A 292 6.16 -0.63 8.39
N CYS A 293 6.69 -0.71 9.60
CA CYS A 293 7.60 -1.79 9.96
C CYS A 293 6.86 -3.13 9.94
N PRO A 294 7.58 -4.21 9.63
CA PRO A 294 6.95 -5.54 9.61
C PRO A 294 6.49 -6.01 10.99
N LEU A 295 5.88 -7.19 11.03
CA LEU A 295 5.40 -7.75 12.28
C LEU A 295 6.57 -8.02 13.22
N HIS A 296 6.36 -7.71 14.50
CA HIS A 296 7.34 -7.87 15.58
C HIS A 296 8.58 -7.02 15.36
N ASN A 297 8.43 -5.89 14.67
CA ASN A 297 9.51 -4.94 14.44
C ASN A 297 9.14 -3.60 15.04
N GLN A 298 10.16 -2.84 15.41
CA GLN A 298 10.02 -1.51 15.98
C GLN A 298 10.81 -0.51 15.16
N GLU A 299 10.36 0.75 15.21
CA GLU A 299 11.05 1.83 14.54
C GLU A 299 12.16 2.38 15.43
N VAL A 300 13.37 2.45 14.88
CA VAL A 300 14.55 2.91 15.61
C VAL A 300 15.10 4.11 14.85
N THR A 301 15.04 5.28 15.48
CA THR A 301 15.58 6.50 14.92
C THR A 301 17.08 6.56 15.23
N ALA A 302 17.80 7.45 14.53
CA ALA A 302 19.23 7.63 14.70
C ALA A 302 19.54 9.10 14.85
N GLU A 303 20.81 9.41 15.11
CA GLU A 303 21.23 10.79 15.35
C GLU A 303 21.03 11.66 14.13
N ASP A 304 21.35 11.13 12.95
CA ASP A 304 21.14 11.88 11.71
C ASP A 304 19.66 11.97 11.34
N GLY A 305 18.82 11.11 11.90
CA GLY A 305 17.39 11.17 11.70
C GLY A 305 16.83 10.05 10.84
N THR A 306 17.68 9.22 10.25
CA THR A 306 17.21 8.06 9.53
C THR A 306 16.55 7.07 10.47
N GLN A 307 15.47 6.44 10.00
CA GLN A 307 14.72 5.49 10.79
C GLN A 307 14.78 4.12 10.14
N ARG A 308 14.99 3.10 10.96
CA ARG A 308 15.11 1.73 10.47
C ARG A 308 14.19 0.81 11.25
N CYS A 309 13.80 -0.29 10.62
CA CYS A 309 12.93 -1.29 11.25
C CYS A 309 13.82 -2.39 11.83
N GLU A 310 13.71 -2.62 13.13
CA GLU A 310 14.53 -3.62 13.80
C GLU A 310 13.65 -4.64 14.51
N LYS A 311 14.12 -5.89 14.54
CA LYS A 311 13.44 -6.93 15.28
C LYS A 311 13.48 -6.62 16.77
N CYS A 312 12.37 -6.89 17.45
CA CYS A 312 12.29 -6.66 18.89
C CYS A 312 13.10 -7.71 19.63
N SER A 313 14.10 -7.26 20.41
CA SER A 313 14.94 -8.17 21.18
C SER A 313 14.16 -8.87 22.29
N LYS A 314 13.23 -8.15 22.91
CA LYS A 314 12.29 -8.65 23.90
C LYS A 314 10.91 -8.46 23.29
N PRO A 315 9.83 -9.04 23.84
CA PRO A 315 8.50 -8.81 23.25
C PRO A 315 8.18 -7.31 23.12
N CYS A 316 7.65 -6.94 21.96
CA CYS A 316 7.56 -5.54 21.54
C CYS A 316 6.73 -4.72 22.50
N ALA A 317 7.22 -3.53 22.82
CA ALA A 317 6.50 -2.62 23.69
C ALA A 317 5.22 -2.15 23.01
N ARG A 318 4.18 -1.93 23.82
CA ARG A 318 2.91 -1.48 23.29
C ARG A 318 3.05 -0.11 22.65
N VAL A 319 2.52 0.02 21.43
CA VAL A 319 2.51 1.28 20.72
C VAL A 319 1.08 1.74 20.55
N CYS A 320 0.92 2.98 20.12
CA CYS A 320 -0.38 3.62 20.02
C CYS A 320 -0.79 3.66 18.55
N TYR A 321 -1.90 3.01 18.24
CA TYR A 321 -2.36 2.93 16.85
C TYR A 321 -3.48 3.93 16.62
N GLY A 322 -3.45 4.56 15.45
CA GLY A 322 -4.48 5.48 15.03
C GLY A 322 -5.34 4.89 13.93
N LEU A 323 -6.09 5.77 13.28
CA LEU A 323 -7.02 5.34 12.24
C LEU A 323 -6.25 4.78 11.05
N GLY A 324 -6.78 3.70 10.48
CA GLY A 324 -6.15 3.07 9.35
C GLY A 324 -5.18 1.97 9.69
N MET A 325 -4.92 1.71 10.98
CA MET A 325 -3.95 0.72 11.41
C MET A 325 -4.58 -0.22 12.43
N GLU A 326 -4.37 -1.53 12.22
CA GLU A 326 -4.74 -2.62 13.15
C GLU A 326 -6.24 -2.60 13.40
N HIS A 327 -6.70 -2.57 14.66
CA HIS A 327 -8.13 -2.63 14.96
C HIS A 327 -8.89 -1.43 14.38
N LEU A 328 -8.20 -0.30 14.23
CA LEU A 328 -8.81 0.93 13.74
C LEU A 328 -8.71 1.07 12.22
N ARG A 329 -8.40 -0.03 11.52
CA ARG A 329 -8.14 0.05 10.07
C ARG A 329 -9.37 0.51 9.30
N GLU A 330 -10.56 0.11 9.73
CA GLU A 330 -11.78 0.51 9.05
C GLU A 330 -12.56 1.58 9.81
N VAL A 331 -12.01 2.10 10.90
CA VAL A 331 -12.64 3.18 11.63
C VAL A 331 -12.39 4.49 10.88
N ARG A 332 -13.45 5.27 10.67
CA ARG A 332 -13.38 6.48 9.86
C ARG A 332 -13.09 7.74 10.65
N ALA A 333 -13.45 7.77 11.93
CA ALA A 333 -13.34 8.99 12.71
C ALA A 333 -12.97 8.67 14.14
N VAL A 334 -12.37 9.66 14.80
CA VAL A 334 -12.09 9.57 16.23
C VAL A 334 -13.37 9.97 16.97
N THR A 335 -13.90 9.05 17.76
CA THR A 335 -15.16 9.25 18.45
C THR A 335 -14.97 8.95 19.93
N SER A 336 -16.02 9.18 20.71
CA SER A 336 -15.99 8.86 22.13
C SER A 336 -15.86 7.36 22.39
N ALA A 337 -16.13 6.53 21.39
CA ALA A 337 -15.91 5.10 21.53
C ALA A 337 -14.42 4.77 21.62
N ASN A 338 -13.58 5.49 20.87
CA ASN A 338 -12.16 5.17 20.78
C ASN A 338 -11.23 6.29 21.24
N ILE A 339 -11.77 7.34 21.88
CA ILE A 339 -10.93 8.47 22.28
C ILE A 339 -9.93 8.07 23.35
N GLN A 340 -10.35 7.23 24.30
CA GLN A 340 -9.50 6.82 25.41
C GLN A 340 -8.34 5.93 24.99
N GLU A 341 -8.35 5.43 23.75
CA GLU A 341 -7.21 4.73 23.20
C GLU A 341 -6.01 5.65 22.97
N PHE A 342 -6.19 6.96 23.04
CA PHE A 342 -5.12 7.89 22.76
C PHE A 342 -4.64 8.62 24.02
N ALA A 343 -5.02 8.17 25.21
CA ALA A 343 -4.64 8.84 26.44
C ALA A 343 -3.16 8.66 26.71
N GLY A 344 -2.45 9.76 26.95
CA GLY A 344 -1.03 9.73 27.22
C GLY A 344 -0.17 9.33 26.04
N CYS A 345 -0.74 9.29 24.85
CA CYS A 345 -0.09 8.73 23.67
C CYS A 345 0.82 9.79 23.08
N LYS A 346 2.13 9.57 23.10
CA LYS A 346 3.06 10.55 22.57
C LYS A 346 3.27 10.41 21.07
N LYS A 347 3.14 9.21 20.53
CA LYS A 347 3.28 8.95 19.11
C LYS A 347 2.13 8.07 18.67
N ILE A 348 1.50 8.41 17.55
CA ILE A 348 0.35 7.68 17.03
C ILE A 348 0.77 7.06 15.70
N PHE A 349 0.68 5.73 15.62
CA PHE A 349 0.94 5.01 14.38
C PHE A 349 -0.38 4.91 13.63
N GLY A 350 -0.57 5.80 12.67
CA GLY A 350 -1.83 5.94 11.98
C GLY A 350 -2.23 7.38 11.91
N SER A 351 -3.51 7.62 11.65
CA SER A 351 -4.03 8.95 11.41
C SER A 351 -5.07 9.32 12.44
N LEU A 352 -5.47 10.59 12.43
CA LEU A 352 -6.55 11.11 13.24
C LEU A 352 -7.49 11.89 12.34
N ALA A 353 -8.76 11.49 12.31
CA ALA A 353 -9.79 12.17 11.55
C ALA A 353 -10.93 12.59 12.47
N PHE A 354 -11.41 13.82 12.29
CA PHE A 354 -12.48 14.40 13.09
C PHE A 354 -13.59 14.82 12.14
N LEU A 355 -14.58 13.96 11.99
CA LEU A 355 -15.72 14.18 11.12
C LEU A 355 -16.85 14.84 11.89
N PRO A 356 -17.92 15.30 11.21
CA PRO A 356 -19.11 15.75 11.96
C PRO A 356 -19.74 14.67 12.82
N GLU A 357 -19.58 13.39 12.45
CA GLU A 357 -20.08 12.30 13.27
C GLU A 357 -19.36 12.21 14.61
N SER A 358 -18.12 12.74 14.71
CA SER A 358 -17.37 12.69 15.95
C SER A 358 -18.05 13.52 17.04
N PHE A 359 -18.41 14.75 16.73
CA PHE A 359 -18.97 15.66 17.70
C PHE A 359 -20.49 15.75 17.64
N ASP A 360 -21.11 15.15 16.64
CA ASP A 360 -22.57 15.06 16.60
C ASP A 360 -23.09 13.75 17.17
N GLY A 361 -22.28 12.71 17.18
CA GLY A 361 -22.69 11.43 17.69
C GLY A 361 -23.47 10.62 16.67
N ASP A 362 -23.61 9.33 16.95
CA ASP A 362 -24.38 8.42 16.10
C ASP A 362 -25.49 7.82 16.96
N PRO A 363 -26.74 8.27 16.79
CA PRO A 363 -27.84 7.72 17.60
C PRO A 363 -28.07 6.23 17.42
N ALA A 364 -27.89 5.73 16.18
CA ALA A 364 -28.11 4.30 15.92
C ALA A 364 -27.11 3.44 16.69
N SER A 365 -25.84 3.83 16.66
CA SER A 365 -24.81 3.11 17.42
C SER A 365 -24.86 3.40 18.91
N ASN A 366 -25.64 4.39 19.34
CA ASN A 366 -25.76 4.85 20.72
C ASN A 366 -24.47 5.44 21.26
N THR A 367 -23.56 5.81 20.38
CA THR A 367 -22.28 6.40 20.78
C THR A 367 -22.49 7.87 21.12
N ALA A 368 -21.99 8.29 22.28
CA ALA A 368 -22.16 9.66 22.72
C ALA A 368 -21.31 10.61 21.88
N PRO A 369 -21.74 11.86 21.71
CA PRO A 369 -20.91 12.84 21.00
C PRO A 369 -19.63 13.14 21.77
N LEU A 370 -18.56 13.35 21.02
CA LEU A 370 -17.29 13.75 21.61
C LEU A 370 -17.39 15.14 22.23
N GLN A 371 -16.76 15.30 23.37
CA GLN A 371 -16.79 16.54 24.12
C GLN A 371 -15.43 17.21 24.06
N PRO A 372 -15.39 18.56 24.09
CA PRO A 372 -14.09 19.27 24.00
C PRO A 372 -13.05 18.81 25.00
N GLU A 373 -13.45 18.57 26.25
CA GLU A 373 -12.49 18.26 27.30
C GLU A 373 -11.79 16.93 27.06
N GLN A 374 -12.50 15.97 26.43
CA GLN A 374 -11.89 14.69 26.13
C GLN A 374 -10.79 14.82 25.10
N LEU A 375 -10.74 15.94 24.37
CA LEU A 375 -9.70 16.16 23.38
C LEU A 375 -8.37 16.46 24.05
N GLN A 376 -8.37 16.60 25.37
CA GLN A 376 -7.15 16.75 26.14
C GLN A 376 -6.44 15.43 26.34
N VAL A 377 -6.93 14.33 25.73
CA VAL A 377 -6.06 13.17 25.62
C VAL A 377 -4.96 13.42 24.61
N PHE A 378 -5.11 14.42 23.73
CA PHE A 378 -4.11 14.66 22.70
C PHE A 378 -3.09 15.72 23.11
N GLU A 379 -2.95 15.99 24.41
CA GLU A 379 -2.06 17.04 24.86
C GLU A 379 -0.60 16.59 24.91
N THR A 380 -0.34 15.29 25.00
CA THR A 380 1.01 14.76 25.00
C THR A 380 1.45 14.31 23.62
N LEU A 381 0.58 14.38 22.62
CA LEU A 381 0.87 13.88 21.29
C LEU A 381 1.99 14.69 20.63
N GLU A 382 2.98 13.98 20.10
CA GLU A 382 4.12 14.61 19.45
C GLU A 382 4.28 14.23 17.99
N GLU A 383 3.85 13.03 17.60
CA GLU A 383 4.03 12.57 16.23
C GLU A 383 2.79 11.83 15.76
N ILE A 384 2.40 12.10 14.51
CA ILE A 384 1.39 11.33 13.81
C ILE A 384 2.06 10.78 12.56
N THR A 385 2.11 9.46 12.44
CA THR A 385 2.72 8.85 11.27
C THR A 385 1.82 8.92 10.04
N GLY A 386 0.52 9.07 10.24
CA GLY A 386 -0.41 9.19 9.14
C GLY A 386 -0.74 10.64 8.84
N TYR A 387 -2.02 10.97 8.80
CA TYR A 387 -2.49 12.32 8.48
C TYR A 387 -3.33 12.87 9.62
N LEU A 388 -3.60 14.17 9.53
CA LEU A 388 -4.50 14.87 10.44
C LEU A 388 -5.60 15.50 9.60
N TYR A 389 -6.81 14.97 9.70
CA TYR A 389 -7.96 15.44 8.95
C TYR A 389 -8.99 15.96 9.94
N ILE A 390 -9.42 17.20 9.77
CA ILE A 390 -10.37 17.85 10.67
C ILE A 390 -11.42 18.53 9.79
N SER A 391 -12.58 17.91 9.69
CA SER A 391 -13.73 18.51 9.02
C SER A 391 -14.77 19.01 10.00
N ALA A 392 -14.58 18.78 11.30
CA ALA A 392 -15.46 19.29 12.32
C ALA A 392 -14.66 19.50 13.60
N TRP A 393 -14.90 20.63 14.25
CA TRP A 393 -14.27 20.97 15.51
C TRP A 393 -15.36 21.54 16.41
N PRO A 394 -15.21 21.41 17.73
CA PRO A 394 -16.16 22.06 18.64
C PRO A 394 -16.11 23.58 18.49
N ASP A 395 -17.28 24.21 18.53
CA ASP A 395 -17.37 25.64 18.30
C ASP A 395 -16.91 26.45 19.51
N SER A 396 -16.92 25.85 20.70
CA SER A 396 -16.38 26.52 21.88
C SER A 396 -14.88 26.76 21.73
N LEU A 397 -14.17 25.79 21.17
CA LEU A 397 -12.73 25.91 20.99
C LEU A 397 -12.44 26.87 19.84
N PRO A 398 -11.62 27.90 20.05
CA PRO A 398 -11.27 28.81 18.95
C PRO A 398 -10.01 28.43 18.18
N ASP A 399 -9.37 27.31 18.51
CA ASP A 399 -8.11 26.95 17.88
C ASP A 399 -7.86 25.46 18.07
N LEU A 400 -6.88 24.96 17.33
CA LEU A 400 -6.43 23.57 17.46
C LEU A 400 -5.32 23.49 18.51
N SER A 401 -5.64 23.92 19.73
CA SER A 401 -4.65 23.96 20.80
C SER A 401 -4.51 22.63 21.52
N VAL A 402 -5.40 21.68 21.29
CA VAL A 402 -5.18 20.34 21.82
C VAL A 402 -3.96 19.70 21.15
N PHE A 403 -3.66 20.08 19.91
CA PHE A 403 -2.49 19.59 19.20
C PHE A 403 -1.33 20.56 19.25
N GLN A 404 -1.25 21.39 20.29
CA GLN A 404 -0.18 22.39 20.36
C GLN A 404 1.18 21.80 20.67
N ASN A 405 1.24 20.54 21.09
CA ASN A 405 2.50 19.85 21.31
C ASN A 405 2.87 18.91 20.17
N LEU A 406 2.03 18.83 19.14
CA LEU A 406 2.31 17.95 18.01
C LEU A 406 3.41 18.57 17.15
N GLN A 407 4.49 17.82 16.94
CA GLN A 407 5.67 18.34 16.26
C GLN A 407 5.76 17.94 14.80
N VAL A 408 5.40 16.70 14.47
CA VAL A 408 5.56 16.19 13.11
C VAL A 408 4.33 15.38 12.73
N ILE A 409 3.81 15.63 11.53
CA ILE A 409 2.87 14.75 10.85
C ILE A 409 3.64 14.14 9.69
N ARG A 410 3.87 12.83 9.75
CA ARG A 410 4.77 12.19 8.79
C ARG A 410 4.14 12.05 7.42
N GLY A 411 2.83 11.91 7.35
CA GLY A 411 2.16 11.71 6.08
C GLY A 411 2.50 10.42 5.38
N ARG A 412 2.78 9.36 6.14
CA ARG A 412 3.01 8.05 5.52
C ARG A 412 1.71 7.44 5.02
N ILE A 413 0.60 7.76 5.67
CA ILE A 413 -0.73 7.52 5.14
C ILE A 413 -1.34 8.88 4.84
N LEU A 414 -1.84 9.06 3.63
CA LEU A 414 -2.36 10.34 3.19
C LEU A 414 -3.87 10.25 2.99
N HIS A 415 -4.57 11.33 3.35
CA HIS A 415 -6.00 11.38 3.16
C HIS A 415 -6.28 11.69 1.70
N ASN A 416 -7.04 10.79 1.04
CA ASN A 416 -7.31 10.75 -0.39
C ASN A 416 -6.06 10.48 -1.20
N GLY A 417 -4.96 10.08 -0.55
CA GLY A 417 -3.70 9.86 -1.21
C GLY A 417 -2.85 11.09 -1.44
N ALA A 418 -3.31 12.27 -1.03
CA ALA A 418 -2.59 13.49 -1.36
C ALA A 418 -2.32 14.40 -0.17
N TYR A 419 -3.13 14.34 0.89
CA TYR A 419 -3.10 15.34 1.94
C TYR A 419 -2.71 14.73 3.27
N SER A 420 -1.74 15.34 3.94
CA SER A 420 -1.36 14.96 5.30
C SER A 420 -1.97 15.86 6.37
N LEU A 421 -2.44 17.05 6.00
CA LEU A 421 -3.07 17.96 6.94
C LEU A 421 -4.22 18.64 6.21
N THR A 422 -5.45 18.37 6.66
CA THR A 422 -6.62 18.95 6.03
C THR A 422 -7.51 19.54 7.12
N LEU A 423 -7.93 20.78 6.92
CA LEU A 423 -8.84 21.47 7.84
C LEU A 423 -9.92 22.14 7.00
N GLN A 424 -11.16 21.67 7.13
CA GLN A 424 -12.23 22.21 6.31
C GLN A 424 -13.48 22.46 7.13
N GLY A 425 -14.17 23.56 6.82
CA GLY A 425 -15.46 23.84 7.41
C GLY A 425 -15.44 24.16 8.89
N LEU A 426 -14.30 24.64 9.39
CA LEU A 426 -14.10 24.81 10.81
C LEU A 426 -14.52 26.20 11.26
N GLY A 427 -14.64 26.37 12.57
CA GLY A 427 -14.93 27.67 13.14
C GLY A 427 -13.79 28.22 13.95
N ILE A 428 -12.59 27.69 13.74
CA ILE A 428 -11.40 28.11 14.47
C ILE A 428 -10.92 29.45 13.94
N SER A 429 -10.50 30.33 14.84
CA SER A 429 -9.97 31.62 14.45
C SER A 429 -8.48 31.60 14.14
N TRP A 430 -7.71 30.70 14.76
CA TRP A 430 -6.30 30.56 14.45
C TRP A 430 -5.91 29.09 14.63
N LEU A 431 -4.80 28.71 13.98
CA LEU A 431 -4.39 27.32 14.00
C LEU A 431 -3.86 26.89 15.36
N GLY A 432 -2.97 27.68 15.95
CA GLY A 432 -2.39 27.35 17.25
C GLY A 432 -1.59 26.07 17.30
N LEU A 433 -0.92 25.71 16.20
CA LEU A 433 -0.11 24.50 16.16
C LEU A 433 1.37 24.84 16.38
N ARG A 434 1.65 25.32 17.60
CA ARG A 434 2.94 25.91 17.94
C ARG A 434 4.11 24.98 17.67
N SER A 435 3.99 23.71 18.03
CA SER A 435 5.11 22.79 17.96
C SER A 435 5.30 22.17 16.58
N LEU A 436 4.36 22.36 15.67
CA LEU A 436 4.42 21.71 14.36
C LEU A 436 5.57 22.26 13.55
N ARG A 437 6.51 21.40 13.20
CA ARG A 437 7.71 21.79 12.48
C ARG A 437 7.98 20.97 11.22
N GLU A 438 7.42 19.77 11.08
CA GLU A 438 7.67 18.93 9.93
C GLU A 438 6.36 18.37 9.38
N LEU A 439 6.20 18.45 8.07
CA LEU A 439 5.17 17.73 7.33
C LEU A 439 5.91 16.84 6.34
N GLY A 440 6.09 15.57 6.70
CA GLY A 440 7.03 14.71 5.99
C GLY A 440 6.66 14.46 4.54
N SER A 441 5.38 14.18 4.28
CA SER A 441 4.93 13.88 2.93
C SER A 441 3.51 14.39 2.78
N GLY A 442 3.09 14.57 1.53
CA GLY A 442 1.74 14.97 1.24
C GLY A 442 1.54 16.47 1.27
N LEU A 443 0.33 16.87 0.95
CA LEU A 443 -0.02 18.28 0.85
C LEU A 443 -0.81 18.73 2.07
N ALA A 444 -0.96 20.03 2.20
CA ALA A 444 -1.79 20.65 3.23
C ALA A 444 -2.94 21.37 2.54
N LEU A 445 -4.16 21.10 2.98
CA LEU A 445 -5.35 21.71 2.40
C LEU A 445 -6.12 22.42 3.50
N ILE A 446 -6.28 23.73 3.35
CA ILE A 446 -7.05 24.56 4.30
C ILE A 446 -8.08 25.33 3.48
N HIS A 447 -9.34 24.90 3.57
CA HIS A 447 -10.37 25.54 2.79
C HIS A 447 -11.67 25.69 3.57
N HIS A 448 -12.36 26.79 3.30
CA HIS A 448 -13.72 27.08 3.80
C HIS A 448 -13.77 27.17 5.32
N ASN A 449 -12.70 27.66 5.93
CA ASN A 449 -12.69 27.99 7.35
C ASN A 449 -12.91 29.49 7.45
N THR A 450 -14.15 29.87 7.75
CA THR A 450 -14.61 31.24 7.55
C THR A 450 -13.88 32.24 8.44
N HIS A 451 -13.58 31.87 9.68
CA HIS A 451 -12.97 32.78 10.64
C HIS A 451 -11.46 32.63 10.76
N LEU A 452 -10.84 31.74 9.97
CA LEU A 452 -9.43 31.41 10.14
C LEU A 452 -8.55 32.52 9.54
N CYS A 453 -7.71 33.14 10.38
CA CYS A 453 -6.96 34.31 9.98
C CYS A 453 -5.45 34.15 9.92
N PHE A 454 -4.88 33.06 10.41
CA PHE A 454 -3.43 32.97 10.53
C PHE A 454 -2.82 31.91 9.61
N VAL A 455 -3.51 31.57 8.52
CA VAL A 455 -2.97 30.60 7.57
C VAL A 455 -1.72 31.15 6.90
N HIS A 456 -1.78 32.40 6.45
CA HIS A 456 -0.69 32.98 5.66
C HIS A 456 0.53 33.27 6.51
N THR A 457 0.35 33.57 7.79
CA THR A 457 1.48 33.86 8.67
C THR A 457 2.33 32.63 8.97
N VAL A 458 1.84 31.43 8.70
CA VAL A 458 2.60 30.22 8.98
C VAL A 458 3.70 30.04 7.94
N PRO A 459 4.93 29.68 8.35
CA PRO A 459 6.01 29.38 7.39
C PRO A 459 5.94 27.96 6.86
N TRP A 460 5.03 27.77 5.89
CA TRP A 460 4.72 26.43 5.38
C TRP A 460 5.92 25.80 4.68
N ASP A 461 6.74 26.60 4.01
CA ASP A 461 7.93 26.08 3.32
C ASP A 461 8.91 25.42 4.30
N GLN A 462 8.99 25.94 5.53
CA GLN A 462 9.83 25.31 6.55
C GLN A 462 9.30 23.93 6.91
N LEU A 463 7.98 23.80 7.03
CA LEU A 463 7.38 22.52 7.39
C LEU A 463 7.54 21.48 6.29
N PHE A 464 7.43 21.90 5.03
CA PHE A 464 7.49 20.98 3.91
C PHE A 464 8.91 20.50 3.66
N ARG A 465 9.05 19.22 3.33
CA ARG A 465 10.34 18.61 3.07
C ARG A 465 10.63 18.37 1.60
N ASN A 466 9.63 18.47 0.72
CA ASN A 466 9.83 18.28 -0.70
C ASN A 466 9.37 19.52 -1.47
N PRO A 467 9.99 19.81 -2.62
CA PRO A 467 9.47 20.89 -3.49
C PRO A 467 8.07 20.61 -4.00
N HIS A 468 7.69 19.34 -4.14
CA HIS A 468 6.34 18.97 -4.53
C HIS A 468 5.31 19.47 -3.52
N GLN A 469 5.64 19.38 -2.23
CA GLN A 469 4.71 19.75 -1.17
C GLN A 469 4.37 21.23 -1.22
N ALA A 470 3.09 21.54 -1.01
CA ALA A 470 2.62 22.92 -1.04
C ALA A 470 1.35 23.02 -0.20
N LEU A 471 0.99 24.25 0.13
CA LEU A 471 -0.24 24.53 0.86
C LEU A 471 -1.29 25.03 -0.11
N LEU A 472 -2.48 24.46 -0.04
CA LEU A 472 -3.60 24.82 -0.89
C LEU A 472 -4.68 25.39 0.02
N HIS A 473 -4.97 26.68 -0.15
CA HIS A 473 -5.87 27.38 0.74
C HIS A 473 -6.89 28.11 -0.10
N THR A 474 -8.13 28.13 0.36
CA THR A 474 -9.17 28.88 -0.32
C THR A 474 -10.33 29.12 0.63
N ALA A 475 -11.05 30.21 0.40
CA ALA A 475 -12.33 30.52 1.06
C ALA A 475 -12.19 30.77 2.55
N ASN A 476 -10.97 30.91 3.06
CA ASN A 476 -10.77 31.31 4.44
C ASN A 476 -10.94 32.82 4.54
N ARG A 477 -10.81 33.34 5.77
CA ARG A 477 -11.04 34.75 6.00
C ARG A 477 -10.03 35.60 5.22
N PRO A 478 -10.49 36.57 4.43
CA PRO A 478 -9.58 37.46 3.69
C PRO A 478 -8.52 38.11 4.58
N GLU A 479 -7.28 38.11 4.09
CA GLU A 479 -6.16 38.62 4.87
C GLU A 479 -6.30 40.11 5.18
N ASP A 480 -6.80 40.89 4.21
CA ASP A 480 -7.09 42.30 4.45
C ASP A 480 -8.11 42.47 5.59
N GLU A 481 -9.17 41.67 5.58
CA GLU A 481 -10.14 41.68 6.67
C GLU A 481 -9.48 41.40 8.02
N CYS A 482 -8.61 40.38 8.07
CA CYS A 482 -7.96 40.02 9.33
C CYS A 482 -7.04 41.13 9.83
N VAL A 483 -6.24 41.71 8.93
CA VAL A 483 -5.36 42.81 9.33
C VAL A 483 -6.17 44.04 9.74
N GLY A 484 -7.27 44.31 9.05
CA GLY A 484 -8.13 45.44 9.42
C GLY A 484 -8.72 45.30 10.81
N GLU A 485 -9.10 44.08 11.19
CA GLU A 485 -9.55 43.81 12.55
C GLU A 485 -8.42 44.00 13.56
N GLY A 486 -7.17 43.91 13.12
CA GLY A 486 -6.04 43.93 14.01
C GLY A 486 -5.58 42.57 14.48
N LEU A 487 -6.11 41.50 13.90
CA LEU A 487 -5.64 40.14 14.17
C LEU A 487 -4.48 39.87 13.21
N ALA A 488 -3.27 39.83 13.75
CA ALA A 488 -2.07 39.69 12.94
C ALA A 488 -0.96 39.14 13.83
N CYS A 489 0.26 39.12 13.30
CA CYS A 489 1.37 38.54 14.04
C CYS A 489 1.89 39.52 15.08
N HIS A 490 2.29 38.98 16.22
CA HIS A 490 2.89 39.78 17.27
C HIS A 490 4.23 40.34 16.80
N GLN A 491 4.57 41.53 17.29
CA GLN A 491 5.86 42.14 16.96
C GLN A 491 7.03 41.32 17.47
N LEU A 492 6.86 40.61 18.59
CA LEU A 492 7.93 39.81 19.15
C LEU A 492 8.25 38.59 18.29
N CYS A 493 7.27 38.10 17.53
CA CYS A 493 7.49 36.97 16.64
C CYS A 493 8.55 37.32 15.59
N ALA A 494 9.48 36.39 15.37
CA ALA A 494 10.57 36.63 14.43
C ALA A 494 10.12 36.35 13.02
N ARG A 495 10.32 37.33 12.13
CA ARG A 495 10.09 37.28 10.68
C ARG A 495 8.61 37.26 10.32
N GLY A 496 7.71 37.51 11.27
CA GLY A 496 6.30 37.49 10.97
C GLY A 496 5.67 36.12 10.96
N HIS A 497 6.37 35.09 11.41
CA HIS A 497 5.85 33.72 11.41
C HIS A 497 5.23 33.42 12.76
N CYS A 498 3.92 33.24 12.79
CA CYS A 498 3.22 32.84 14.00
C CYS A 498 2.05 31.93 13.64
N TRP A 499 1.57 31.22 14.66
CA TRP A 499 0.44 30.31 14.52
C TRP A 499 -0.86 30.90 15.04
N GLY A 500 -0.80 32.05 15.70
CA GLY A 500 -1.98 32.66 16.28
C GLY A 500 -1.63 34.01 16.88
N PRO A 501 -2.63 34.69 17.44
CA PRO A 501 -2.38 35.98 18.09
C PRO A 501 -1.61 35.83 19.39
N GLY A 502 -0.83 36.85 19.71
CA GLY A 502 -0.13 36.92 20.96
C GLY A 502 1.31 36.46 20.88
N PRO A 503 2.04 36.56 22.00
CA PRO A 503 3.45 36.17 22.02
C PRO A 503 3.68 34.69 22.26
N THR A 504 2.66 33.95 22.64
CA THR A 504 2.80 32.51 22.88
C THR A 504 2.81 31.73 21.57
N GLN A 505 2.33 32.33 20.49
CA GLN A 505 2.10 31.63 19.23
C GLN A 505 3.19 31.86 18.20
N CYS A 506 4.35 32.39 18.60
CA CYS A 506 5.39 32.71 17.63
C CYS A 506 6.12 31.43 17.24
N VAL A 507 6.43 31.32 15.94
CA VAL A 507 7.24 30.20 15.46
C VAL A 507 8.65 30.27 16.02
N ASN A 508 9.24 31.47 16.00
CA ASN A 508 10.56 31.67 16.58
C ASN A 508 10.55 32.96 17.37
N CYS A 509 11.11 32.92 18.58
CA CYS A 509 11.23 34.11 19.39
C CYS A 509 12.34 34.99 18.85
N SER A 510 12.03 36.28 18.64
CA SER A 510 13.07 37.21 18.22
C SER A 510 14.07 37.49 19.34
N GLN A 511 13.59 37.71 20.56
CA GLN A 511 14.44 38.20 21.63
C GLN A 511 14.67 37.19 22.74
N PHE A 512 13.63 36.66 23.37
CA PHE A 512 13.81 35.86 24.57
C PHE A 512 12.60 34.97 24.79
N LEU A 513 12.80 33.92 25.59
CA LEU A 513 11.79 32.91 25.87
C LEU A 513 11.61 32.76 27.37
N ARG A 514 10.39 33.02 27.85
CA ARG A 514 10.02 32.69 29.22
C ARG A 514 8.80 31.78 29.12
N GLY A 515 8.91 30.59 29.69
CA GLY A 515 7.87 29.59 29.48
C GLY A 515 7.74 29.26 28.02
N GLN A 516 6.51 29.34 27.51
CA GLN A 516 6.23 29.20 26.09
C GLN A 516 6.06 30.55 25.39
N GLU A 517 6.32 31.66 26.08
CA GLU A 517 5.99 32.98 25.62
C GLU A 517 7.24 33.79 25.27
N CYS A 518 7.18 34.50 24.14
CA CYS A 518 8.25 35.41 23.79
C CYS A 518 8.23 36.65 24.66
N VAL A 519 9.42 37.08 25.10
CA VAL A 519 9.61 38.27 25.89
C VAL A 519 10.86 38.98 25.39
N GLU A 520 11.07 40.19 25.89
CA GLU A 520 12.23 40.99 25.51
C GLU A 520 13.09 41.32 26.72
N VAL B 5 7.73 -18.04 -8.59
CA VAL B 5 7.09 -17.75 -7.32
C VAL B 5 6.59 -19.07 -6.70
N GLN B 6 6.71 -20.14 -7.47
CA GLN B 6 6.21 -21.43 -7.04
C GLN B 6 7.12 -22.05 -5.98
N LEU B 7 6.59 -23.06 -5.30
CA LEU B 7 7.30 -23.80 -4.25
C LEU B 7 7.22 -25.27 -4.60
N VAL B 8 8.36 -25.93 -4.74
CA VAL B 8 8.37 -27.34 -5.12
C VAL B 8 9.05 -28.16 -4.03
N GLU B 9 8.33 -29.14 -3.51
CA GLU B 9 8.82 -30.02 -2.46
C GLU B 9 9.41 -31.28 -3.05
N SER B 10 10.24 -31.96 -2.25
CA SER B 10 10.88 -33.20 -2.65
C SER B 10 11.46 -33.89 -1.43
N GLY B 11 11.86 -35.14 -1.63
CA GLY B 11 12.53 -35.94 -0.62
C GLY B 11 11.70 -36.38 0.56
N GLY B 12 10.46 -36.78 0.31
CA GLY B 12 9.59 -37.32 1.34
C GLY B 12 9.29 -38.77 1.04
N GLY B 13 9.15 -39.58 2.09
CA GLY B 13 8.82 -40.97 1.88
C GLY B 13 8.70 -41.80 3.14
N LEU B 14 8.97 -43.10 3.05
CA LEU B 14 8.79 -44.01 4.16
C LEU B 14 10.08 -44.02 4.97
N VAL B 15 10.00 -43.72 6.27
CA VAL B 15 11.17 -43.69 7.14
C VAL B 15 10.98 -44.66 8.31
N GLN B 16 12.08 -45.34 8.70
CA GLN B 16 12.14 -46.24 9.84
C GLN B 16 12.31 -45.43 11.12
N PRO B 17 11.55 -45.76 12.19
CA PRO B 17 11.64 -45.01 13.45
C PRO B 17 13.08 -44.81 13.91
N GLY B 18 13.33 -43.70 14.60
CA GLY B 18 14.68 -43.38 15.02
C GLY B 18 15.62 -43.04 13.88
N GLY B 19 15.12 -43.07 12.66
CA GLY B 19 15.86 -42.76 11.44
C GLY B 19 15.91 -41.28 11.19
N SER B 20 16.20 -40.94 9.94
CA SER B 20 16.36 -39.56 9.55
C SER B 20 15.87 -39.40 8.12
N LEU B 21 15.53 -38.17 7.77
CA LEU B 21 14.96 -37.88 6.47
C LEU B 21 15.24 -36.43 6.15
N ARG B 22 15.49 -36.12 4.88
CA ARG B 22 15.73 -34.74 4.48
C ARG B 22 14.70 -34.27 3.45
N LEU B 23 13.93 -33.25 3.82
CA LEU B 23 12.89 -32.66 2.97
C LEU B 23 13.47 -31.43 2.28
N SER B 24 13.20 -31.29 0.99
CA SER B 24 13.72 -30.15 0.23
C SER B 24 12.57 -29.31 -0.31
N CYS B 25 12.70 -27.99 -0.22
CA CYS B 25 11.74 -27.04 -0.77
C CYS B 25 12.52 -26.01 -1.59
N ALA B 26 12.19 -25.92 -2.87
CA ALA B 26 12.80 -24.95 -3.76
C ALA B 26 11.83 -23.81 -4.01
N ALA B 27 12.30 -22.59 -3.76
CA ALA B 27 11.54 -21.35 -3.86
C ALA B 27 12.23 -20.39 -4.80
N SER B 28 11.45 -19.68 -5.60
CA SER B 28 12.00 -18.69 -6.51
C SER B 28 12.34 -17.41 -5.74
N GLY B 29 13.62 -17.08 -5.69
CA GLY B 29 14.07 -15.86 -5.04
C GLY B 29 13.90 -15.77 -3.55
N PHE B 30 14.20 -16.84 -2.82
CA PHE B 30 14.01 -16.86 -1.37
C PHE B 30 14.98 -15.91 -0.68
N THR B 31 16.25 -15.90 -1.08
CA THR B 31 17.27 -15.21 -0.30
C THR B 31 17.26 -13.69 -0.49
N TRP B 32 16.59 -13.18 -1.53
CA TRP B 32 16.46 -11.74 -1.71
C TRP B 32 15.05 -11.21 -1.53
N SER B 33 14.03 -12.07 -1.50
CA SER B 33 12.68 -11.59 -1.21
C SER B 33 12.52 -11.13 0.23
N GLY B 34 13.44 -11.49 1.11
CA GLY B 34 13.32 -11.11 2.51
C GLY B 34 12.30 -11.88 3.30
N ALA B 35 11.79 -12.98 2.76
CA ALA B 35 10.74 -13.75 3.40
C ALA B 35 11.31 -14.89 4.24
N TYR B 36 10.44 -15.43 5.09
CA TYR B 36 10.69 -16.68 5.80
C TYR B 36 10.20 -17.85 4.97
N ILE B 37 10.85 -19.00 5.14
CA ILE B 37 10.35 -20.26 4.61
C ILE B 37 10.00 -21.14 5.80
N HIS B 38 8.74 -21.53 5.89
CA HIS B 38 8.24 -22.35 6.97
C HIS B 38 7.92 -23.74 6.47
N TRP B 39 7.94 -24.68 7.41
CA TRP B 39 7.42 -26.02 7.25
C TRP B 39 6.27 -26.16 8.22
N VAL B 40 5.10 -26.54 7.68
CA VAL B 40 3.87 -26.73 8.43
C VAL B 40 3.37 -28.14 8.13
N ARG B 41 3.07 -28.92 9.14
CA ARG B 41 2.66 -30.30 8.93
C ARG B 41 1.19 -30.49 9.28
N GLN B 42 0.57 -31.45 8.61
CA GLN B 42 -0.81 -31.84 8.85
C GLN B 42 -0.85 -33.34 9.03
N ALA B 43 -1.08 -33.79 10.27
CA ALA B 43 -1.27 -35.20 10.53
C ALA B 43 -2.57 -35.66 9.90
N PRO B 44 -2.65 -36.93 9.47
CA PRO B 44 -3.89 -37.43 8.84
C PRO B 44 -5.11 -37.29 9.73
N GLY B 45 -6.11 -36.59 9.22
CA GLY B 45 -7.35 -36.35 9.94
C GLY B 45 -7.26 -35.30 11.03
N LYS B 46 -6.14 -34.60 11.15
CA LYS B 46 -5.94 -33.55 12.13
C LYS B 46 -5.77 -32.21 11.41
N GLY B 47 -5.48 -31.17 12.20
CA GLY B 47 -5.34 -29.84 11.68
C GLY B 47 -3.90 -29.47 11.37
N LEU B 48 -3.74 -28.25 10.87
CA LEU B 48 -2.41 -27.74 10.52
C LEU B 48 -1.59 -27.50 11.78
N GLU B 49 -0.34 -27.91 11.74
CA GLU B 49 0.59 -27.71 12.84
C GLU B 49 1.89 -27.15 12.30
N TRP B 50 2.31 -26.02 12.87
CA TRP B 50 3.55 -25.40 12.45
C TRP B 50 4.75 -26.18 12.98
N VAL B 51 5.76 -26.34 12.14
CA VAL B 51 6.96 -27.10 12.48
C VAL B 51 8.17 -26.20 12.63
N ALA B 52 8.53 -25.47 11.58
CA ALA B 52 9.78 -24.71 11.64
C ALA B 52 9.74 -23.53 10.68
N SER B 53 10.67 -22.60 10.89
CA SER B 53 10.82 -21.44 10.02
C SER B 53 12.29 -21.07 9.89
N ILE B 54 12.68 -20.57 8.72
CA ILE B 54 14.03 -20.06 8.48
C ILE B 54 13.95 -18.70 7.81
N TYR B 55 14.68 -17.73 8.39
CA TYR B 55 14.84 -16.40 7.79
C TYR B 55 15.84 -16.40 6.64
N SER B 56 15.50 -15.65 5.60
CA SER B 56 16.40 -15.50 4.45
C SER B 56 17.65 -14.71 4.81
N ALA B 57 17.49 -13.63 5.57
CA ALA B 57 18.57 -12.66 5.75
C ALA B 57 19.75 -13.24 6.52
N GLY B 58 19.49 -13.89 7.64
CA GLY B 58 20.58 -14.31 8.49
C GLY B 58 20.60 -15.80 8.74
N GLY B 59 19.69 -16.53 8.11
CA GLY B 59 19.59 -17.95 8.39
C GLY B 59 19.03 -18.26 9.75
N TYR B 60 18.38 -17.30 10.40
CA TYR B 60 17.82 -17.51 11.73
C TYR B 60 16.71 -18.54 11.65
N THR B 61 16.71 -19.47 12.60
CA THR B 61 15.82 -20.61 12.57
C THR B 61 14.93 -20.60 13.80
N ASP B 62 13.77 -21.24 13.66
CA ASP B 62 12.86 -21.39 14.78
C ASP B 62 12.10 -22.69 14.61
N TYR B 63 11.75 -23.31 15.73
CA TYR B 63 11.12 -24.61 15.72
C TYR B 63 9.97 -24.63 16.73
N ALA B 64 9.02 -25.52 16.48
CA ALA B 64 7.99 -25.81 17.45
C ALA B 64 8.58 -26.62 18.60
N ASP B 65 7.87 -26.62 19.73
CA ASP B 65 8.34 -27.32 20.93
C ASP B 65 8.45 -28.82 20.70
N SER B 66 7.51 -29.39 19.95
CA SER B 66 7.53 -30.83 19.67
C SER B 66 8.76 -31.24 18.86
N VAL B 67 9.14 -30.43 17.87
CA VAL B 67 10.26 -30.78 17.01
C VAL B 67 11.58 -30.18 17.45
N LYS B 68 11.58 -29.33 18.48
CA LYS B 68 12.80 -28.68 18.94
C LYS B 68 13.80 -29.71 19.49
N GLY B 69 15.00 -29.72 18.91
CA GLY B 69 16.04 -30.64 19.28
C GLY B 69 16.16 -31.86 18.38
N ARG B 70 15.12 -32.16 17.61
CA ARG B 70 15.13 -33.27 16.66
C ARG B 70 15.23 -32.80 15.23
N PHE B 71 14.49 -31.77 14.85
CA PHE B 71 14.48 -31.25 13.49
C PHE B 71 15.44 -30.06 13.42
N THR B 72 16.16 -29.96 12.31
CA THR B 72 16.98 -28.79 12.02
C THR B 72 16.63 -28.27 10.63
N ILE B 73 16.36 -26.98 10.53
CA ILE B 73 16.02 -26.34 9.27
C ILE B 73 17.22 -25.50 8.83
N SER B 74 17.60 -25.67 7.56
CA SER B 74 18.75 -24.97 7.01
C SER B 74 18.36 -24.47 5.62
N ALA B 75 19.16 -23.56 5.09
CA ALA B 75 18.95 -23.07 3.73
C ALA B 75 20.27 -23.07 3.00
N ASP B 76 20.23 -23.42 1.71
CA ASP B 76 21.38 -23.32 0.84
C ASP B 76 21.08 -22.14 -0.09
N THR B 77 21.72 -21.01 0.20
CA THR B 77 21.50 -19.77 -0.53
C THR B 77 21.92 -19.89 -1.99
N SER B 78 23.03 -20.59 -2.25
CA SER B 78 23.56 -20.71 -3.61
C SER B 78 22.57 -21.40 -4.55
N LYS B 79 21.99 -22.52 -4.12
CA LYS B 79 20.95 -23.17 -4.90
C LYS B 79 19.55 -22.66 -4.55
N ASN B 80 19.46 -21.75 -3.57
CA ASN B 80 18.20 -21.08 -3.20
C ASN B 80 17.13 -22.07 -2.75
N THR B 81 17.52 -22.99 -1.86
CA THR B 81 16.61 -24.07 -1.49
C THR B 81 16.68 -24.31 0.02
N ALA B 82 15.52 -24.45 0.66
CA ALA B 82 15.45 -24.72 2.08
C ALA B 82 15.36 -26.22 2.31
N TYR B 83 16.07 -26.69 3.34
CA TYR B 83 16.11 -28.09 3.69
C TYR B 83 15.63 -28.26 5.12
N LEU B 84 14.80 -29.28 5.35
CA LEU B 84 14.38 -29.67 6.69
C LEU B 84 14.92 -31.07 6.97
N GLN B 85 15.87 -31.18 7.87
CA GLN B 85 16.43 -32.47 8.26
C GLN B 85 15.73 -32.93 9.53
N MET B 86 15.14 -34.12 9.47
CA MET B 86 14.37 -34.69 10.56
C MET B 86 15.14 -35.90 11.11
N ASN B 87 15.29 -35.93 12.43
CA ASN B 87 16.00 -37.00 13.13
C ASN B 87 15.13 -37.50 14.28
N SER B 88 15.29 -38.80 14.57
CA SER B 88 14.56 -39.50 15.64
C SER B 88 13.05 -39.31 15.51
N LEU B 89 12.53 -39.69 14.34
CA LEU B 89 11.11 -39.54 14.08
C LEU B 89 10.29 -40.58 14.83
N ARG B 90 9.09 -40.17 15.23
CA ARG B 90 8.15 -40.98 15.97
C ARG B 90 6.85 -41.12 15.17
N ALA B 91 5.85 -41.76 15.79
CA ALA B 91 4.57 -41.97 15.14
C ALA B 91 3.85 -40.65 14.86
N GLU B 92 3.97 -39.69 15.77
CA GLU B 92 3.29 -38.40 15.59
C GLU B 92 3.83 -37.62 14.39
N ASP B 93 5.08 -37.88 14.00
CA ASP B 93 5.68 -37.14 12.89
C ASP B 93 5.16 -37.56 11.53
N THR B 94 4.38 -38.64 11.45
CA THR B 94 3.75 -39.04 10.20
C THR B 94 2.70 -38.00 9.82
N ALA B 95 2.96 -37.26 8.75
CA ALA B 95 2.11 -36.14 8.36
C ALA B 95 2.42 -35.75 6.92
N VAL B 96 1.54 -34.94 6.36
CA VAL B 96 1.85 -34.24 5.11
C VAL B 96 2.56 -32.95 5.47
N TYR B 97 3.75 -32.75 4.94
CA TYR B 97 4.58 -31.61 5.24
C TYR B 97 4.48 -30.63 4.07
N TYR B 98 3.98 -29.43 4.35
CA TYR B 98 3.94 -28.34 3.40
C TYR B 98 5.06 -27.38 3.70
N CYS B 99 5.71 -26.89 2.65
CA CYS B 99 6.62 -25.76 2.77
C CYS B 99 5.90 -24.53 2.25
N ALA B 100 5.95 -23.46 3.02
CA ALA B 100 5.17 -22.26 2.73
C ALA B 100 6.07 -21.03 2.87
N ARG B 101 5.69 -19.98 2.18
CA ARG B 101 6.42 -18.72 2.24
C ARG B 101 5.66 -17.72 3.09
N TYR B 102 6.34 -17.14 4.07
CA TYR B 102 5.73 -16.20 5.00
C TYR B 102 6.50 -14.89 4.93
N GLY B 103 5.80 -13.77 5.06
CA GLY B 103 6.48 -12.51 5.18
C GLY B 103 7.06 -11.93 3.92
N THR B 104 6.53 -12.30 2.76
CA THR B 104 7.03 -11.76 1.50
C THR B 104 6.72 -10.27 1.42
N TYR B 105 7.59 -9.55 0.72
CA TYR B 105 7.46 -8.11 0.57
C TYR B 105 6.74 -7.79 -0.73
N GLU B 106 5.78 -6.91 -0.67
CA GLU B 106 4.95 -6.53 -1.80
C GLU B 106 4.98 -5.03 -1.95
N LEU B 107 5.03 -4.57 -3.19
CA LEU B 107 4.93 -3.14 -3.47
C LEU B 107 3.52 -2.65 -3.17
N LYS B 108 3.43 -1.57 -2.42
CA LYS B 108 2.19 -0.90 -2.09
C LYS B 108 2.28 0.54 -2.59
N SER B 109 1.35 1.38 -2.15
CA SER B 109 1.36 2.77 -2.57
C SER B 109 2.57 3.49 -2.00
N TYR B 110 2.94 4.58 -2.67
CA TYR B 110 4.06 5.46 -2.33
C TYR B 110 5.41 4.77 -2.46
N GLY B 111 5.48 3.68 -3.22
CA GLY B 111 6.73 2.98 -3.40
C GLY B 111 7.21 2.21 -2.18
N SER B 112 6.32 1.89 -1.27
CA SER B 112 6.68 1.23 -0.02
C SER B 112 6.54 -0.27 -0.17
N TRP B 113 7.57 -1.00 0.25
CA TRP B 113 7.56 -2.46 0.19
C TRP B 113 7.21 -2.99 1.58
N GLU B 114 6.08 -3.66 1.69
CA GLU B 114 5.56 -4.09 2.98
C GLU B 114 5.49 -5.60 3.04
N SER B 115 5.87 -6.15 4.20
CA SER B 115 5.87 -7.58 4.40
C SER B 115 4.46 -8.13 4.60
N LEU B 116 4.21 -9.31 4.01
CA LEU B 116 2.90 -9.95 4.08
C LEU B 116 2.86 -10.86 5.30
N PRO B 117 2.13 -10.53 6.35
CA PRO B 117 2.22 -11.37 7.56
C PRO B 117 1.29 -12.58 7.50
N ALA B 118 1.58 -13.47 6.56
CA ALA B 118 0.75 -14.65 6.28
C ALA B 118 1.49 -15.54 5.30
N PHE B 119 0.94 -16.74 5.10
CA PHE B 119 1.48 -17.71 4.15
C PHE B 119 0.76 -17.52 2.82
N ASP B 120 1.34 -16.73 1.93
CA ASP B 120 0.68 -16.49 0.65
C ASP B 120 0.81 -17.67 -0.30
N TYR B 121 1.93 -18.37 -0.27
CA TYR B 121 2.17 -19.50 -1.16
C TYR B 121 2.55 -20.73 -0.37
N TRP B 122 2.00 -21.86 -0.76
CA TRP B 122 2.24 -23.15 -0.13
C TRP B 122 2.72 -24.13 -1.19
N GLY B 123 3.56 -25.07 -0.77
CA GLY B 123 3.89 -26.18 -1.63
C GLY B 123 2.75 -27.17 -1.71
N GLN B 124 2.89 -28.13 -2.63
CA GLN B 124 1.82 -29.11 -2.82
C GLN B 124 1.74 -30.08 -1.65
N GLY B 125 2.85 -30.34 -0.98
CA GLY B 125 2.88 -31.19 0.20
C GLY B 125 3.54 -32.53 -0.08
N THR B 126 4.26 -33.04 0.90
CA THR B 126 4.90 -34.35 0.77
C THR B 126 4.61 -35.20 2.00
N LEU B 127 4.21 -36.44 1.77
CA LEU B 127 3.76 -37.31 2.85
C LEU B 127 4.96 -38.02 3.48
N VAL B 128 5.08 -37.92 4.80
CA VAL B 128 6.13 -38.58 5.56
C VAL B 128 5.45 -39.57 6.48
N THR B 129 5.83 -40.85 6.36
CA THR B 129 5.25 -41.93 7.14
C THR B 129 6.36 -42.61 7.93
N VAL B 130 6.17 -42.71 9.25
CA VAL B 130 7.09 -43.39 10.14
C VAL B 130 6.43 -44.68 10.59
N PHE B 131 7.09 -45.81 10.36
CA PHE B 131 6.48 -47.11 10.65
C PHE B 131 7.39 -47.95 11.55
N ILE C 2 -1.68 -24.86 22.79
CA ILE C 2 -1.12 -25.33 21.53
C ILE C 2 -1.92 -24.78 20.33
N GLN C 3 -3.25 -24.88 20.37
CA GLN C 3 -4.12 -24.39 19.31
C GLN C 3 -5.11 -23.41 19.89
N MET C 4 -5.25 -22.25 19.23
CA MET C 4 -6.25 -21.28 19.61
C MET C 4 -7.65 -21.84 19.36
N THR C 5 -8.59 -21.42 20.19
CA THR C 5 -9.94 -22.00 20.12
C THR C 5 -10.68 -21.49 18.90
N GLN C 6 -11.42 -22.37 18.25
CA GLN C 6 -12.27 -22.02 17.11
C GLN C 6 -13.68 -22.49 17.39
N SER C 7 -14.66 -21.61 17.19
CA SER C 7 -16.04 -22.00 17.32
C SER C 7 -16.83 -21.46 16.13
N PRO C 8 -17.69 -22.28 15.51
CA PRO C 8 -17.97 -23.68 15.86
C PRO C 8 -16.89 -24.65 15.39
N SER C 9 -16.90 -25.88 15.91
CA SER C 9 -16.02 -26.90 15.38
C SER C 9 -16.47 -27.35 14.00
N SER C 10 -17.78 -27.48 13.80
CA SER C 10 -18.37 -27.83 12.51
C SER C 10 -19.58 -26.94 12.29
N LEU C 11 -19.90 -26.71 11.02
CA LEU C 11 -20.97 -25.79 10.66
C LEU C 11 -21.61 -26.28 9.37
N SER C 12 -22.94 -26.27 9.35
CA SER C 12 -23.70 -26.70 8.18
C SER C 12 -24.60 -25.57 7.71
N ALA C 13 -24.61 -25.31 6.42
CA ALA C 13 -25.42 -24.24 5.85
C ALA C 13 -25.64 -24.50 4.37
N SER C 14 -26.64 -23.82 3.81
CA SER C 14 -26.97 -23.93 2.42
C SER C 14 -26.29 -22.83 1.60
N VAL C 15 -26.35 -22.97 0.28
CA VAL C 15 -25.74 -21.99 -0.62
C VAL C 15 -26.48 -20.67 -0.52
N GLY C 16 -25.74 -19.58 -0.41
CA GLY C 16 -26.28 -18.25 -0.22
C GLY C 16 -26.30 -17.79 1.22
N ASP C 17 -26.25 -18.72 2.17
CA ASP C 17 -26.32 -18.41 3.58
C ASP C 17 -25.09 -17.62 4.02
N ARG C 18 -25.25 -16.87 5.11
CA ARG C 18 -24.17 -16.11 5.71
C ARG C 18 -23.69 -16.86 6.93
N VAL C 19 -22.38 -17.04 7.06
CA VAL C 19 -21.82 -17.88 8.11
C VAL C 19 -20.66 -17.16 8.78
N THR C 20 -20.56 -17.34 10.09
CA THR C 20 -19.54 -16.69 10.89
C THR C 20 -18.73 -17.74 11.63
N ILE C 21 -17.42 -17.49 11.73
CA ILE C 21 -16.51 -18.33 12.50
C ILE C 21 -15.70 -17.41 13.40
N THR C 22 -15.70 -17.69 14.69
CA THR C 22 -14.96 -16.87 15.64
C THR C 22 -13.81 -17.67 16.23
N CYS C 23 -12.64 -17.05 16.26
CA CYS C 23 -11.38 -17.65 16.66
C CYS C 23 -10.87 -16.87 17.86
N ARG C 24 -10.91 -17.52 19.02
CA ARG C 24 -10.36 -16.95 20.25
C ARG C 24 -8.89 -17.29 20.30
N ALA C 25 -8.06 -16.25 20.25
CA ALA C 25 -6.61 -16.38 20.22
C ALA C 25 -6.00 -15.51 21.31
N SER C 26 -4.69 -15.67 21.49
CA SER C 26 -3.95 -14.82 22.42
C SER C 26 -3.99 -13.37 21.97
N GLN C 27 -4.06 -12.47 22.94
CA GLN C 27 -4.13 -11.05 22.63
C GLN C 27 -2.85 -10.59 21.95
N SER C 28 -3.00 -9.93 20.82
CA SER C 28 -1.87 -9.47 20.01
C SER C 28 -2.36 -8.40 19.05
N VAL C 29 -1.40 -7.79 18.34
CA VAL C 29 -1.73 -6.86 17.28
C VAL C 29 -2.56 -7.54 16.20
N SER C 30 -3.49 -6.78 15.60
CA SER C 30 -4.43 -7.31 14.62
C SER C 30 -3.77 -7.87 13.39
N SER C 31 -2.56 -7.40 13.05
CA SER C 31 -1.91 -7.81 11.82
C SER C 31 -1.33 -9.22 11.89
N ALA C 32 -1.37 -9.85 13.06
CA ALA C 32 -0.79 -11.18 13.23
C ALA C 32 -1.78 -12.31 13.01
N VAL C 33 -3.05 -12.01 12.75
CA VAL C 33 -4.08 -13.03 12.62
C VAL C 33 -4.47 -13.14 11.16
N ALA C 34 -4.43 -14.36 10.63
CA ALA C 34 -4.75 -14.63 9.23
C ALA C 34 -5.73 -15.78 9.15
N TRP C 35 -6.42 -15.86 8.02
CA TRP C 35 -7.47 -16.83 7.76
C TRP C 35 -7.18 -17.53 6.44
N TYR C 36 -7.20 -18.86 6.49
CA TYR C 36 -6.84 -19.72 5.37
C TYR C 36 -7.96 -20.71 5.10
N GLN C 37 -8.15 -21.03 3.83
CA GLN C 37 -9.11 -22.03 3.38
C GLN C 37 -8.36 -23.25 2.83
N GLN C 38 -8.77 -24.44 3.25
CA GLN C 38 -8.15 -25.68 2.80
C GLN C 38 -9.25 -26.64 2.35
N LYS C 39 -9.30 -26.90 1.06
CA LYS C 39 -10.10 -27.98 0.51
C LYS C 39 -9.40 -29.31 0.79
N PRO C 40 -10.17 -30.40 0.97
CA PRO C 40 -9.55 -31.69 1.32
C PRO C 40 -8.59 -32.18 0.24
N GLY C 41 -7.43 -32.66 0.69
CA GLY C 41 -6.40 -33.16 -0.19
C GLY C 41 -5.54 -32.12 -0.85
N LYS C 42 -5.75 -30.84 -0.56
CA LYS C 42 -5.05 -29.74 -1.21
C LYS C 42 -4.36 -28.87 -0.16
N ALA C 43 -3.39 -28.09 -0.63
CA ALA C 43 -2.71 -27.14 0.22
C ALA C 43 -3.65 -25.98 0.57
N PRO C 44 -3.49 -25.40 1.76
CA PRO C 44 -4.32 -24.24 2.12
C PRO C 44 -4.02 -23.03 1.26
N LYS C 45 -5.01 -22.15 1.15
CA LYS C 45 -4.83 -20.88 0.46
C LYS C 45 -5.24 -19.75 1.40
N LEU C 46 -4.55 -18.61 1.25
CA LEU C 46 -4.76 -17.49 2.14
C LEU C 46 -5.99 -16.69 1.74
N LEU C 47 -6.80 -16.33 2.74
CA LEU C 47 -7.95 -15.48 2.53
C LEU C 47 -7.77 -14.10 3.13
N ILE C 48 -7.49 -14.02 4.44
CA ILE C 48 -7.48 -12.74 5.17
C ILE C 48 -6.14 -12.66 5.88
N TYR C 49 -5.20 -11.85 5.36
CA TYR C 49 -3.88 -11.87 5.97
C TYR C 49 -3.81 -11.10 7.29
N SER C 50 -4.41 -9.92 7.37
CA SER C 50 -4.16 -9.01 8.49
C SER C 50 -5.36 -8.87 9.41
N ALA C 51 -6.24 -9.88 9.43
CA ALA C 51 -7.46 -10.07 10.21
C ALA C 51 -8.62 -9.22 9.68
N SER C 52 -8.37 -8.30 8.76
CA SER C 52 -9.43 -7.62 8.02
C SER C 52 -9.15 -7.45 6.54
N SER C 53 -7.89 -7.56 6.10
CA SER C 53 -7.51 -7.21 4.75
C SER C 53 -7.69 -8.38 3.79
N LEU C 54 -8.31 -8.11 2.66
CA LEU C 54 -8.56 -9.11 1.63
C LEU C 54 -7.30 -9.37 0.83
N TYR C 55 -6.92 -10.63 0.72
CA TYR C 55 -5.79 -11.00 -0.11
C TYR C 55 -6.18 -10.86 -1.59
N SER C 56 -5.17 -10.68 -2.44
CA SER C 56 -5.39 -10.55 -3.87
C SER C 56 -6.04 -11.80 -4.44
N GLY C 57 -6.94 -11.61 -5.40
CA GLY C 57 -7.64 -12.71 -6.04
C GLY C 57 -8.68 -13.39 -5.20
N VAL C 58 -8.98 -12.86 -4.02
CA VAL C 58 -9.96 -13.47 -3.11
C VAL C 58 -11.29 -12.74 -3.28
N PRO C 59 -12.41 -13.46 -3.36
CA PRO C 59 -13.71 -12.80 -3.49
C PRO C 59 -14.05 -11.90 -2.31
N SER C 60 -14.79 -10.83 -2.60
CA SER C 60 -15.16 -9.84 -1.59
C SER C 60 -16.14 -10.37 -0.56
N ARG C 61 -16.76 -11.53 -0.81
CA ARG C 61 -17.67 -12.13 0.16
C ARG C 61 -16.97 -12.60 1.43
N PHE C 62 -15.66 -12.75 1.42
CA PHE C 62 -14.89 -13.05 2.63
C PHE C 62 -14.57 -11.76 3.36
N SER C 63 -14.90 -11.70 4.64
CA SER C 63 -14.62 -10.53 5.46
C SER C 63 -14.00 -10.94 6.78
N GLY C 64 -13.11 -10.10 7.29
CA GLY C 64 -12.51 -10.29 8.59
C GLY C 64 -12.82 -9.15 9.52
N SER C 65 -12.96 -9.46 10.81
CA SER C 65 -13.24 -8.44 11.81
C SER C 65 -12.61 -8.86 13.13
N ARG C 66 -12.38 -7.90 14.01
CA ARG C 66 -11.84 -8.17 15.33
C ARG C 66 -12.77 -7.62 16.39
N SER C 67 -12.99 -8.40 17.45
CA SER C 67 -13.78 -7.98 18.62
C SER C 67 -13.00 -8.47 19.84
N GLY C 68 -12.16 -7.59 20.39
CA GLY C 68 -11.33 -7.98 21.52
C GLY C 68 -10.31 -9.01 21.11
N THR C 69 -10.20 -10.08 21.91
CA THR C 69 -9.36 -11.20 21.54
C THR C 69 -9.99 -12.10 20.49
N ASP C 70 -11.26 -11.88 20.14
CA ASP C 70 -11.93 -12.68 19.13
C ASP C 70 -11.63 -12.14 17.74
N PHE C 71 -11.38 -13.04 16.80
CA PHE C 71 -11.22 -12.68 15.40
C PHE C 71 -12.25 -13.46 14.59
N THR C 72 -12.94 -12.78 13.69
CA THR C 72 -14.12 -13.31 13.04
C THR C 72 -13.93 -13.35 11.54
N LEU C 73 -14.18 -14.52 10.95
CA LEU C 73 -14.25 -14.70 9.51
C LEU C 73 -15.72 -14.85 9.13
N THR C 74 -16.18 -14.02 8.20
CA THR C 74 -17.58 -13.96 7.81
C THR C 74 -17.68 -14.20 6.31
N ILE C 75 -18.56 -15.10 5.91
CA ILE C 75 -18.91 -15.31 4.51
C ILE C 75 -20.32 -14.80 4.33
N SER C 76 -20.46 -13.73 3.54
CA SER C 76 -21.75 -13.06 3.37
C SER C 76 -22.73 -13.93 2.58
N SER C 77 -22.29 -14.48 1.46
CA SER C 77 -23.13 -15.33 0.62
C SER C 77 -22.36 -16.60 0.29
N LEU C 78 -22.72 -17.71 0.94
CA LEU C 78 -22.04 -18.98 0.70
C LEU C 78 -22.28 -19.46 -0.71
N GLN C 79 -21.25 -20.10 -1.27
CA GLN C 79 -21.19 -20.56 -2.65
C GLN C 79 -20.76 -22.01 -2.66
N PRO C 80 -21.02 -22.75 -3.75
CA PRO C 80 -20.60 -24.17 -3.80
C PRO C 80 -19.11 -24.40 -3.59
N GLU C 81 -18.27 -23.44 -3.95
CA GLU C 81 -16.83 -23.57 -3.79
C GLU C 81 -16.35 -23.09 -2.41
N ASP C 82 -17.27 -22.79 -1.50
CA ASP C 82 -16.90 -22.31 -0.16
C ASP C 82 -17.04 -23.39 0.90
N PHE C 83 -17.13 -24.65 0.50
CA PHE C 83 -17.19 -25.75 1.46
C PHE C 83 -15.80 -26.35 1.59
N ALA C 84 -15.18 -26.11 2.74
CA ALA C 84 -13.79 -26.48 3.00
C ALA C 84 -13.53 -26.25 4.48
N THR C 85 -12.32 -26.59 4.91
CA THR C 85 -11.91 -26.31 6.28
C THR C 85 -11.30 -24.92 6.36
N TYR C 86 -11.60 -24.20 7.43
CA TYR C 86 -11.13 -22.83 7.61
C TYR C 86 -10.27 -22.76 8.86
N TYR C 87 -9.08 -22.19 8.72
CA TYR C 87 -8.11 -22.09 9.80
C TYR C 87 -7.78 -20.63 10.08
N CYS C 88 -7.56 -20.32 11.35
CA CYS C 88 -7.02 -19.05 11.79
C CYS C 88 -5.61 -19.29 12.30
N GLN C 89 -4.68 -18.48 11.84
CA GLN C 89 -3.28 -18.59 12.24
C GLN C 89 -2.86 -17.30 12.92
N GLN C 90 -1.95 -17.41 13.86
CA GLN C 90 -1.43 -16.28 14.62
C GLN C 90 0.08 -16.37 14.72
N SER C 91 0.72 -15.21 14.64
CA SER C 91 2.15 -15.09 14.81
C SER C 91 2.41 -14.34 16.11
N GLU C 92 3.14 -14.96 17.02
CA GLU C 92 3.54 -14.31 18.26
C GLU C 92 4.99 -13.89 18.17
N TRP C 93 5.39 -13.04 19.10
CA TRP C 93 6.79 -12.65 19.17
C TRP C 93 7.62 -13.88 19.54
N GLY C 94 8.85 -13.91 19.05
CA GLY C 94 9.69 -15.06 19.26
C GLY C 94 9.56 -16.12 18.20
N GLY C 95 8.92 -15.80 17.08
CA GLY C 95 8.90 -16.65 15.92
C GLY C 95 7.91 -17.79 15.95
N LEU C 96 7.10 -17.91 16.99
CA LEU C 96 6.13 -18.99 17.07
C LEU C 96 4.94 -18.71 16.18
N ILE C 97 4.59 -19.69 15.35
CA ILE C 97 3.40 -19.66 14.52
C ILE C 97 2.43 -20.70 15.06
N THR C 98 1.20 -20.30 15.32
CA THR C 98 0.20 -21.21 15.84
C THR C 98 -1.05 -21.15 14.97
N PHE C 99 -1.84 -22.22 15.02
CA PHE C 99 -2.98 -22.40 14.14
C PHE C 99 -4.22 -22.72 14.97
N GLY C 100 -5.38 -22.44 14.38
CA GLY C 100 -6.62 -22.87 14.96
C GLY C 100 -6.87 -24.34 14.72
N GLN C 101 -7.88 -24.87 15.41
CA GLN C 101 -8.17 -26.29 15.27
C GLN C 101 -8.84 -26.60 13.94
N GLY C 102 -9.54 -25.66 13.35
CA GLY C 102 -10.16 -25.85 12.06
C GLY C 102 -11.67 -25.82 12.15
N THR C 103 -12.30 -25.15 11.19
CA THR C 103 -13.74 -25.11 11.07
C THR C 103 -14.13 -25.66 9.70
N LYS C 104 -14.95 -26.70 9.68
CA LYS C 104 -15.39 -27.33 8.45
C LYS C 104 -16.82 -26.94 8.15
N VAL C 105 -17.06 -26.45 6.94
CA VAL C 105 -18.38 -26.03 6.50
C VAL C 105 -18.93 -27.11 5.58
N GLU C 106 -20.01 -27.76 6.01
CA GLU C 106 -20.60 -28.88 5.30
C GLU C 106 -21.91 -28.46 4.66
N ILE C 107 -22.13 -28.91 3.42
CA ILE C 107 -23.35 -28.58 2.70
C ILE C 107 -24.55 -29.30 3.31
N LYS C 108 -25.72 -28.70 3.19
CA LYS C 108 -26.96 -29.31 3.66
C LYS C 108 -27.65 -30.03 2.52
#